data_3HGR
#
_entry.id   3HGR
#
_cell.length_a   53.440
_cell.length_b   71.990
_cell.length_c   72.040
_cell.angle_alpha   63.090
_cell.angle_beta   84.450
_cell.angle_gamma   78.060
#
_symmetry.space_group_name_H-M   'P 1'
#
loop_
_entity.id
_entity.type
_entity.pdbx_description
1 polymer '12-oxophytodienoate reductase 1'
2 non-polymer 'FLAVIN MONONUCLEOTIDE'
3 non-polymer 'P-HYDROXYBENZOIC ACID'
4 water water
#
_entity_poly.entity_id   1
_entity_poly.type   'polypeptide(L)'
_entity_poly.pdbx_seq_one_letter_code
;MENKVVEEKQVDKIPLMSPCKMGKFELCHRVVLAPLTRQRSYGYIPQPHAILHYSQRSTNGGLLIGEATVISETGIGYKD
VPGIWTKEQVEAWKPIVDAVHAKGGIFFCQIWHVGRVSNKDFQPNGEDPISCTDRGLTPQIMSNGIDIAHFTRPRRLTTD
EIPQIVNEFRVAARNAIEAGFDGVEIHGAHGYLIDQFMKDQVNDRSDKYGGSLENRCRFALEIVEAVANEIGSDRVGIRI
SPFAHYNEAGDTNPTALGLYMVESLNKYDLAYCHVVEPRMKTAWEKIECTESLVPMRKAYKGTFIVAGGYDREDGNRALI
EDRADLVAYGRLFISNPDLPKRFELNAPLNKYNRDTFYTSDPIVGYTDYPFLETMT
;
_entity_poly.pdbx_strand_id   A,B
#
loop_
_chem_comp.id
_chem_comp.type
_chem_comp.name
_chem_comp.formula
FMN non-polymer 'FLAVIN MONONUCLEOTIDE' 'C17 H21 N4 O9 P'
PHB non-polymer 'P-HYDROXYBENZOIC ACID' 'C7 H6 O3'
#
# COMPACT_ATOMS: atom_id res chain seq x y z
N VAL A 11 16.56 1.01 -19.73
CA VAL A 11 17.58 -0.07 -19.91
C VAL A 11 17.11 -1.22 -20.82
N ASP A 12 17.77 -1.37 -21.96
CA ASP A 12 17.46 -2.42 -22.93
C ASP A 12 17.90 -3.77 -22.39
N LYS A 13 17.02 -4.77 -22.48
CA LYS A 13 17.33 -6.10 -22.02
C LYS A 13 18.45 -6.72 -22.85
N ILE A 14 19.35 -7.43 -22.18
CA ILE A 14 20.47 -8.09 -22.84
C ILE A 14 20.45 -9.56 -22.46
N PRO A 15 21.05 -10.42 -23.30
CA PRO A 15 21.12 -11.87 -23.09
C PRO A 15 21.59 -12.28 -21.69
N LEU A 16 22.68 -11.64 -21.21
CA LEU A 16 23.24 -11.96 -19.88
C LEU A 16 22.25 -11.73 -18.75
N MET A 17 21.17 -11.01 -19.02
CA MET A 17 20.17 -10.73 -18.00
C MET A 17 18.92 -11.61 -18.13
N SER A 18 18.89 -12.46 -19.14
CA SER A 18 17.76 -13.34 -19.39
C SER A 18 17.57 -14.46 -18.35
N PRO A 19 16.31 -14.78 -18.04
CA PRO A 19 15.98 -15.83 -17.06
C PRO A 19 16.45 -17.19 -17.62
N CYS A 20 16.45 -18.22 -16.78
CA CYS A 20 16.93 -19.52 -17.21
C CYS A 20 16.57 -20.65 -16.22
N LYS A 21 16.10 -21.78 -16.74
CA LYS A 21 15.77 -22.91 -15.87
C LYS A 21 16.96 -23.83 -15.87
N MET A 22 17.55 -24.06 -14.70
CA MET A 22 18.70 -24.94 -14.58
C MET A 22 18.35 -26.03 -13.59
N GLY A 23 17.80 -27.13 -14.10
CA GLY A 23 17.40 -28.22 -13.23
C GLY A 23 16.18 -27.78 -12.42
N LYS A 24 16.27 -27.90 -11.11
CA LYS A 24 15.18 -27.50 -10.21
C LYS A 24 15.25 -26.02 -9.84
N PHE A 25 16.15 -25.28 -10.47
CA PHE A 25 16.32 -23.87 -10.14
C PHE A 25 15.86 -22.89 -11.22
N GLU A 26 15.23 -21.79 -10.79
CA GLU A 26 14.75 -20.76 -11.70
C GLU A 26 15.65 -19.54 -11.57
N LEU A 27 16.74 -19.53 -12.33
CA LEU A 27 17.67 -18.41 -12.27
C LEU A 27 17.08 -17.18 -12.93
N CYS A 28 17.42 -16.00 -12.42
CA CYS A 28 16.90 -14.75 -12.96
C CYS A 28 17.80 -14.09 -14.00
N HIS A 29 19.04 -14.56 -14.12
CA HIS A 29 19.98 -14.01 -15.09
C HIS A 29 21.11 -15.02 -15.26
N ARG A 30 21.96 -14.81 -16.26
CA ARG A 30 23.03 -15.77 -16.51
C ARG A 30 24.43 -15.42 -16.04
N VAL A 31 24.57 -14.35 -15.27
CA VAL A 31 25.89 -14.01 -14.78
C VAL A 31 26.17 -14.85 -13.54
N VAL A 32 27.14 -15.74 -13.65
CA VAL A 32 27.51 -16.65 -12.56
C VAL A 32 28.81 -16.27 -11.88
N LEU A 33 28.86 -16.44 -10.57
CA LEU A 33 30.07 -16.19 -9.79
C LEU A 33 30.90 -17.47 -9.85
N ALA A 34 32.06 -17.44 -10.50
CA ALA A 34 32.92 -18.62 -10.62
C ALA A 34 33.58 -18.95 -9.29
N PRO A 35 33.98 -20.22 -9.09
CA PRO A 35 34.63 -20.66 -7.83
C PRO A 35 35.92 -19.88 -7.67
N LEU A 36 36.12 -19.23 -6.52
CA LEU A 36 37.34 -18.46 -6.33
C LEU A 36 38.02 -18.72 -4.99
N THR A 37 39.22 -19.26 -5.06
CA THR A 37 40.04 -19.53 -3.89
C THR A 37 40.65 -18.22 -3.42
N ARG A 38 40.27 -17.77 -2.22
CA ARG A 38 40.75 -16.50 -1.67
C ARG A 38 41.74 -16.66 -0.49
N GLN A 39 41.86 -17.89 0.02
CA GLN A 39 42.75 -18.24 1.12
C GLN A 39 42.59 -17.38 2.37
N ARG A 40 41.33 -17.12 2.73
CA ARG A 40 41.07 -16.32 3.90
C ARG A 40 40.27 -17.11 4.94
N SER A 41 40.28 -18.45 4.81
CA SER A 41 39.56 -19.33 5.73
C SER A 41 40.54 -19.96 6.72
N TYR A 42 40.94 -19.17 7.70
CA TYR A 42 41.89 -19.57 8.73
C TYR A 42 41.57 -20.92 9.39
N GLY A 43 42.59 -21.77 9.46
CA GLY A 43 42.42 -23.07 10.05
C GLY A 43 41.52 -24.00 9.24
N TYR A 44 41.33 -23.68 7.96
CA TYR A 44 40.49 -24.47 7.08
C TYR A 44 39.06 -24.44 7.58
N ILE A 45 38.68 -23.32 8.19
CA ILE A 45 37.34 -23.13 8.70
C ILE A 45 36.78 -21.87 8.05
N PRO A 46 35.55 -21.92 7.51
CA PRO A 46 34.95 -20.73 6.89
C PRO A 46 34.87 -19.61 7.93
N GLN A 47 35.03 -18.36 7.49
CA GLN A 47 35.04 -17.25 8.44
C GLN A 47 33.92 -16.24 8.25
N PRO A 48 33.70 -15.40 9.28
CA PRO A 48 32.66 -14.36 9.27
C PRO A 48 32.73 -13.41 8.08
N HIS A 49 33.95 -13.07 7.65
CA HIS A 49 34.07 -12.16 6.51
C HIS A 49 33.57 -12.76 5.20
N ALA A 50 33.54 -14.09 5.11
CA ALA A 50 33.05 -14.74 3.91
C ALA A 50 31.56 -14.41 3.82
N ILE A 51 30.91 -14.26 4.96
CA ILE A 51 29.49 -13.94 4.98
C ILE A 51 29.22 -12.65 4.19
N LEU A 52 30.00 -11.62 4.50
CA LEU A 52 29.87 -10.34 3.84
C LEU A 52 30.28 -10.45 2.38
N HIS A 53 31.38 -11.16 2.12
CA HIS A 53 31.85 -11.31 0.75
C HIS A 53 30.79 -11.88 -0.20
N TYR A 54 30.31 -13.08 0.12
CA TYR A 54 29.30 -13.76 -0.69
C TYR A 54 27.98 -13.01 -0.65
N SER A 55 27.70 -12.35 0.46
CA SER A 55 26.45 -11.58 0.57
C SER A 55 26.51 -10.40 -0.39
N GLN A 56 27.67 -9.76 -0.46
CA GLN A 56 27.81 -8.61 -1.35
C GLN A 56 27.61 -9.02 -2.82
N ARG A 57 27.77 -10.31 -3.11
CA ARG A 57 27.63 -10.77 -4.48
C ARG A 57 26.38 -11.57 -4.82
N SER A 58 25.44 -11.64 -3.87
CA SER A 58 24.19 -12.38 -4.07
C SER A 58 23.08 -11.56 -4.71
N THR A 59 22.40 -12.13 -5.69
CA THR A 59 21.29 -11.46 -6.33
C THR A 59 20.14 -12.46 -6.36
N ASN A 60 18.92 -11.96 -6.51
CA ASN A 60 17.76 -12.84 -6.56
C ASN A 60 17.81 -13.69 -7.83
N GLY A 61 17.84 -15.01 -7.67
CA GLY A 61 17.89 -15.90 -8.81
C GLY A 61 19.24 -15.93 -9.53
N GLY A 62 20.29 -15.52 -8.82
CA GLY A 62 21.62 -15.52 -9.39
C GLY A 62 22.38 -16.71 -8.84
N LEU A 63 23.22 -17.32 -9.66
CA LEU A 63 23.98 -18.49 -9.23
C LEU A 63 25.38 -18.14 -8.76
N LEU A 64 25.75 -18.68 -7.61
CA LEU A 64 27.07 -18.47 -7.03
C LEU A 64 27.71 -19.83 -6.80
N ILE A 65 28.94 -19.97 -7.28
CA ILE A 65 29.67 -21.20 -7.05
C ILE A 65 30.74 -20.81 -6.04
N GLY A 66 30.67 -21.39 -4.85
CA GLY A 66 31.62 -21.06 -3.80
C GLY A 66 33.02 -21.50 -4.09
N GLU A 67 33.97 -20.96 -3.33
CA GLU A 67 35.39 -21.29 -3.48
C GLU A 67 35.64 -22.79 -3.28
N ALA A 68 36.65 -23.32 -3.98
CA ALA A 68 37.02 -24.72 -3.85
C ALA A 68 37.02 -25.12 -2.36
N THR A 69 36.26 -26.16 -2.01
CA THR A 69 36.20 -26.59 -0.59
C THR A 69 36.73 -28.01 -0.40
N VAL A 70 37.83 -28.11 0.35
CA VAL A 70 38.51 -29.37 0.62
C VAL A 70 37.61 -30.44 1.26
N ILE A 71 37.62 -31.63 0.67
CA ILE A 71 36.77 -32.71 1.15
C ILE A 71 37.37 -33.52 2.30
N SER A 72 38.69 -33.55 2.41
CA SER A 72 39.31 -34.31 3.49
C SER A 72 40.71 -33.82 3.79
N GLU A 73 41.27 -34.29 4.91
CA GLU A 73 42.61 -33.89 5.34
C GLU A 73 43.69 -34.02 4.27
N THR A 74 43.64 -35.11 3.52
CA THR A 74 44.63 -35.37 2.48
C THR A 74 44.44 -34.47 1.26
N GLY A 75 43.33 -33.76 1.20
CA GLY A 75 43.08 -32.90 0.06
C GLY A 75 43.57 -31.47 0.20
N ILE A 76 44.39 -31.19 1.21
CA ILE A 76 44.91 -29.85 1.44
C ILE A 76 46.25 -29.58 0.76
N GLY A 77 46.32 -28.49 0.01
CA GLY A 77 47.57 -28.15 -0.65
C GLY A 77 47.81 -26.65 -0.55
N TYR A 78 46.95 -25.97 0.19
CA TYR A 78 47.03 -24.52 0.35
C TYR A 78 46.68 -24.12 1.77
N LYS A 79 47.19 -22.97 2.19
CA LYS A 79 46.87 -22.47 3.53
C LYS A 79 45.52 -21.78 3.52
N ASP A 80 44.84 -21.82 4.66
CA ASP A 80 43.57 -21.14 4.87
C ASP A 80 42.43 -21.33 3.86
N VAL A 81 42.42 -22.47 3.17
CA VAL A 81 41.33 -22.76 2.23
C VAL A 81 40.24 -23.47 3.07
N PRO A 82 38.97 -23.30 2.71
CA PRO A 82 37.97 -23.98 3.54
C PRO A 82 37.79 -25.46 3.27
N GLY A 83 37.47 -26.21 4.34
CA GLY A 83 37.23 -27.64 4.21
C GLY A 83 35.78 -27.92 4.55
N ILE A 84 35.33 -29.15 4.40
CA ILE A 84 33.94 -29.43 4.75
C ILE A 84 33.76 -30.86 5.26
N TRP A 85 34.77 -31.37 5.94
CA TRP A 85 34.72 -32.73 6.48
C TRP A 85 34.48 -32.82 7.99
N THR A 86 34.40 -31.68 8.68
CA THR A 86 34.17 -31.72 10.12
C THR A 86 32.95 -30.91 10.47
N LYS A 87 32.27 -31.31 11.54
CA LYS A 87 31.08 -30.60 12.01
C LYS A 87 31.38 -29.11 12.18
N GLU A 88 32.58 -28.82 12.65
CA GLU A 88 32.99 -27.44 12.88
C GLU A 88 32.95 -26.63 11.59
N GLN A 89 33.38 -27.25 10.50
CA GLN A 89 33.36 -26.58 9.20
C GLN A 89 31.94 -26.42 8.69
N VAL A 90 31.12 -27.46 8.84
CA VAL A 90 29.74 -27.42 8.39
C VAL A 90 28.96 -26.27 9.05
N GLU A 91 29.07 -26.16 10.37
CA GLU A 91 28.39 -25.09 11.09
C GLU A 91 28.92 -23.71 10.70
N ALA A 92 30.19 -23.64 10.31
CA ALA A 92 30.77 -22.38 9.90
C ALA A 92 30.19 -21.93 8.56
N TRP A 93 29.88 -22.88 7.68
CA TRP A 93 29.31 -22.56 6.38
C TRP A 93 27.87 -22.05 6.45
N LYS A 94 27.11 -22.54 7.43
CA LYS A 94 25.72 -22.14 7.54
C LYS A 94 25.40 -20.66 7.48
N PRO A 95 26.08 -19.82 8.28
CA PRO A 95 25.76 -18.39 8.19
C PRO A 95 26.04 -17.81 6.80
N ILE A 96 27.09 -18.29 6.14
CA ILE A 96 27.45 -17.81 4.81
C ILE A 96 26.35 -18.20 3.83
N VAL A 97 25.92 -19.47 3.92
CA VAL A 97 24.84 -19.97 3.08
C VAL A 97 23.58 -19.16 3.35
N ASP A 98 23.31 -18.84 4.62
CA ASP A 98 22.11 -18.08 4.95
C ASP A 98 22.12 -16.66 4.38
N ALA A 99 23.26 -16.01 4.42
CA ALA A 99 23.33 -14.65 3.88
C ALA A 99 23.03 -14.69 2.39
N VAL A 100 23.58 -15.66 1.67
CA VAL A 100 23.34 -15.76 0.24
C VAL A 100 21.85 -15.99 -0.03
N HIS A 101 21.25 -16.94 0.68
CA HIS A 101 19.83 -17.22 0.51
C HIS A 101 18.99 -16.02 0.89
N ALA A 102 19.44 -15.27 1.90
CA ALA A 102 18.72 -14.09 2.34
C ALA A 102 18.52 -13.11 1.20
N LYS A 103 19.28 -13.26 0.13
CA LYS A 103 19.11 -12.37 -1.01
C LYS A 103 18.55 -13.15 -2.21
N GLY A 104 18.16 -14.40 -1.95
CA GLY A 104 17.60 -15.26 -2.98
C GLY A 104 18.55 -15.79 -4.04
N GLY A 105 19.80 -16.01 -3.66
CA GLY A 105 20.76 -16.52 -4.62
C GLY A 105 20.80 -18.02 -4.50
N ILE A 106 21.28 -18.69 -5.55
CA ILE A 106 21.42 -20.14 -5.56
C ILE A 106 22.90 -20.41 -5.34
N PHE A 107 23.19 -21.23 -4.34
CA PHE A 107 24.57 -21.49 -3.94
C PHE A 107 25.03 -22.94 -4.05
N PHE A 108 26.09 -23.15 -4.81
CA PHE A 108 26.66 -24.49 -4.98
C PHE A 108 28.03 -24.47 -4.32
N CYS A 109 28.37 -25.56 -3.63
CA CYS A 109 29.66 -25.66 -2.98
C CYS A 109 30.58 -26.46 -3.88
N GLN A 110 31.74 -25.92 -4.23
CA GLN A 110 32.63 -26.69 -5.08
C GLN A 110 33.43 -27.61 -4.16
N ILE A 111 33.30 -28.94 -4.34
CA ILE A 111 34.03 -29.87 -3.49
C ILE A 111 35.30 -30.28 -4.22
N TRP A 112 36.39 -30.23 -3.48
CA TRP A 112 37.73 -30.41 -4.04
C TRP A 112 38.74 -31.26 -3.28
N HIS A 113 39.70 -31.80 -4.03
CA HIS A 113 40.80 -32.60 -3.51
C HIS A 113 42.00 -32.32 -4.43
N VAL A 114 43.07 -31.80 -3.86
CA VAL A 114 44.27 -31.42 -4.61
C VAL A 114 45.12 -32.56 -5.15
N GLY A 115 44.91 -33.76 -4.63
CA GLY A 115 45.72 -34.87 -5.08
C GLY A 115 47.19 -34.53 -4.89
N ARG A 116 47.98 -34.69 -5.95
CA ARG A 116 49.41 -34.41 -5.87
C ARG A 116 49.79 -32.93 -5.71
N VAL A 117 48.86 -32.00 -5.93
CA VAL A 117 49.24 -30.60 -5.75
C VAL A 117 49.21 -30.28 -4.26
N SER A 118 50.21 -30.78 -3.54
CA SER A 118 50.34 -30.58 -2.11
C SER A 118 51.76 -30.89 -1.66
N ASN A 119 51.99 -30.76 -0.35
CA ASN A 119 53.29 -31.00 0.27
C ASN A 119 53.00 -31.82 1.53
N LYS A 120 53.95 -32.63 1.98
CA LYS A 120 53.71 -33.42 3.18
C LYS A 120 53.48 -32.54 4.43
N ASP A 121 53.89 -31.27 4.39
CA ASP A 121 53.65 -30.39 5.53
C ASP A 121 52.16 -30.07 5.65
N PHE A 122 51.40 -30.35 4.59
CA PHE A 122 49.96 -30.09 4.59
C PHE A 122 49.20 -31.37 4.92
N GLN A 123 49.89 -32.50 4.78
CA GLN A 123 49.32 -33.82 5.01
C GLN A 123 49.34 -34.30 6.46
N PRO A 124 48.35 -35.13 6.85
CA PRO A 124 48.27 -35.67 8.21
C PRO A 124 49.48 -36.55 8.50
N ASN A 125 50.10 -36.37 9.66
CA ASN A 125 51.27 -37.15 10.06
C ASN A 125 52.40 -37.12 9.02
N GLY A 126 52.54 -35.99 8.33
CA GLY A 126 53.60 -35.86 7.34
C GLY A 126 53.59 -36.86 6.20
N GLU A 127 52.41 -37.42 5.90
CA GLU A 127 52.27 -38.38 4.82
C GLU A 127 52.43 -37.75 3.43
N ASP A 128 52.63 -38.59 2.42
CA ASP A 128 52.77 -38.09 1.06
C ASP A 128 51.39 -37.84 0.48
N PRO A 129 51.29 -36.90 -0.46
CA PRO A 129 49.98 -36.62 -1.07
C PRO A 129 49.57 -37.85 -1.88
N ILE A 130 48.30 -37.98 -2.21
CA ILE A 130 47.85 -39.14 -2.98
C ILE A 130 47.52 -38.74 -4.40
N SER A 131 47.71 -39.66 -5.34
CA SER A 131 47.43 -39.36 -6.74
C SER A 131 47.29 -40.67 -7.53
N CYS A 132 47.03 -40.51 -8.83
CA CYS A 132 46.88 -41.63 -9.74
C CYS A 132 48.28 -42.11 -10.14
N THR A 133 49.27 -41.25 -9.89
CA THR A 133 50.67 -41.50 -10.22
C THR A 133 51.59 -41.23 -9.02
N ASP A 134 52.86 -41.57 -9.16
CA ASP A 134 53.81 -41.32 -8.08
C ASP A 134 54.80 -40.24 -8.54
N ARG A 135 54.46 -39.57 -9.64
CA ARG A 135 55.31 -38.51 -10.16
C ARG A 135 54.86 -37.21 -9.51
N GLY A 136 55.82 -36.46 -8.97
CA GLY A 136 55.50 -35.20 -8.32
C GLY A 136 55.65 -33.99 -9.24
N LEU A 137 55.33 -32.82 -8.71
CA LEU A 137 55.43 -31.59 -9.49
C LEU A 137 56.74 -30.84 -9.25
N THR A 138 57.17 -30.08 -10.25
CA THR A 138 58.38 -29.30 -10.08
C THR A 138 57.93 -28.03 -9.34
N PRO A 139 58.87 -27.32 -8.69
CA PRO A 139 58.51 -26.11 -7.96
C PRO A 139 57.82 -25.04 -8.81
N GLN A 140 56.98 -24.25 -8.16
CA GLN A 140 56.25 -23.18 -8.82
C GLN A 140 56.35 -21.93 -7.96
N ILE A 141 56.35 -20.77 -8.60
CA ILE A 141 56.41 -19.52 -7.86
C ILE A 141 55.01 -19.20 -7.35
N MET A 142 54.93 -18.78 -6.09
CA MET A 142 53.64 -18.46 -5.50
C MET A 142 53.07 -17.14 -6.00
N SER A 143 51.89 -16.78 -5.49
CA SER A 143 51.20 -15.56 -5.90
C SER A 143 51.97 -14.25 -5.70
N ASN A 144 52.79 -14.17 -4.66
CA ASN A 144 53.55 -12.95 -4.40
C ASN A 144 54.77 -12.74 -5.32
N GLY A 145 55.34 -13.84 -5.82
CA GLY A 145 56.48 -13.74 -6.71
C GLY A 145 57.81 -13.65 -5.97
N ILE A 146 57.80 -14.09 -4.71
CA ILE A 146 58.97 -14.07 -3.85
C ILE A 146 59.24 -15.46 -3.29
N ASP A 147 58.16 -16.18 -3.01
CA ASP A 147 58.27 -17.52 -2.45
C ASP A 147 58.05 -18.63 -3.47
N ILE A 148 58.75 -19.74 -3.26
CA ILE A 148 58.64 -20.90 -4.13
C ILE A 148 57.83 -22.00 -3.46
N ALA A 149 56.91 -22.58 -4.21
CA ALA A 149 56.09 -23.67 -3.70
C ALA A 149 56.75 -25.00 -4.08
N HIS A 150 57.11 -25.79 -3.08
CA HIS A 150 57.71 -27.10 -3.32
C HIS A 150 56.64 -28.16 -3.08
N PHE A 151 56.67 -29.23 -3.87
CA PHE A 151 55.66 -30.27 -3.72
C PHE A 151 56.29 -31.62 -3.49
N THR A 152 55.67 -32.41 -2.63
CA THR A 152 56.16 -33.74 -2.34
C THR A 152 55.66 -34.71 -3.40
N ARG A 153 56.52 -35.60 -3.87
CA ARG A 153 56.09 -36.60 -4.84
C ARG A 153 54.91 -37.34 -4.24
N PRO A 154 53.91 -37.66 -5.06
CA PRO A 154 52.76 -38.35 -4.46
C PRO A 154 52.92 -39.85 -4.41
N ARG A 155 51.99 -40.47 -3.68
CA ARG A 155 51.91 -41.90 -3.51
C ARG A 155 50.81 -42.37 -4.47
N ARG A 156 51.14 -43.30 -5.38
CA ARG A 156 50.15 -43.81 -6.33
C ARG A 156 49.09 -44.66 -5.61
N LEU A 157 47.84 -44.22 -5.65
CA LEU A 157 46.75 -44.96 -5.01
C LEU A 157 46.56 -46.36 -5.60
N THR A 158 46.25 -47.34 -4.75
CA THR A 158 46.06 -48.71 -5.23
C THR A 158 44.65 -48.81 -5.78
N THR A 159 44.44 -49.78 -6.67
CA THR A 159 43.14 -49.98 -7.29
C THR A 159 41.97 -50.00 -6.30
N ASP A 160 42.14 -50.66 -5.16
CA ASP A 160 41.06 -50.73 -4.18
C ASP A 160 40.97 -49.59 -3.19
N GLU A 161 41.93 -48.66 -3.21
CA GLU A 161 41.88 -47.52 -2.32
C GLU A 161 40.94 -46.49 -2.92
N ILE A 162 41.08 -46.30 -4.23
CA ILE A 162 40.29 -45.35 -4.98
C ILE A 162 38.84 -45.24 -4.56
N PRO A 163 38.13 -46.38 -4.40
CA PRO A 163 36.73 -46.22 -3.99
C PRO A 163 36.61 -45.42 -2.67
N GLN A 164 37.61 -45.55 -1.79
CA GLN A 164 37.61 -44.82 -0.52
C GLN A 164 37.58 -43.34 -0.78
N ILE A 165 38.35 -42.92 -1.78
CA ILE A 165 38.41 -41.52 -2.16
C ILE A 165 37.09 -41.14 -2.81
N VAL A 166 36.57 -42.00 -3.68
CA VAL A 166 35.30 -41.69 -4.32
C VAL A 166 34.32 -41.38 -3.18
N ASN A 167 34.43 -42.14 -2.09
CA ASN A 167 33.54 -41.96 -0.96
C ASN A 167 33.68 -40.62 -0.25
N GLU A 168 34.90 -40.07 -0.23
CA GLU A 168 35.13 -38.77 0.41
C GLU A 168 34.33 -37.66 -0.27
N PHE A 169 34.27 -37.67 -1.60
CA PHE A 169 33.50 -36.67 -2.31
C PHE A 169 32.04 -36.84 -1.94
N ARG A 170 31.62 -38.09 -1.77
CA ARG A 170 30.23 -38.39 -1.40
C ARG A 170 29.85 -37.76 -0.05
N VAL A 171 30.63 -38.09 0.99
CA VAL A 171 30.39 -37.54 2.32
C VAL A 171 30.32 -36.01 2.23
N ALA A 172 31.36 -35.43 1.64
CA ALA A 172 31.46 -33.98 1.47
C ALA A 172 30.20 -33.42 0.84
N ALA A 173 29.73 -34.06 -0.23
CA ALA A 173 28.53 -33.59 -0.89
C ALA A 173 27.38 -33.59 0.11
N ARG A 174 27.34 -34.63 0.94
CA ARG A 174 26.31 -34.77 1.98
C ARG A 174 26.44 -33.64 2.98
N ASN A 175 27.68 -33.37 3.39
CA ASN A 175 27.94 -32.30 4.35
C ASN A 175 27.47 -30.96 3.79
N ALA A 176 27.77 -30.70 2.51
CA ALA A 176 27.37 -29.44 1.87
C ALA A 176 25.88 -29.21 2.02
N ILE A 177 25.09 -30.26 1.84
CA ILE A 177 23.64 -30.16 1.97
C ILE A 177 23.24 -29.89 3.42
N GLU A 178 24.00 -30.45 4.36
CA GLU A 178 23.69 -30.21 5.77
C GLU A 178 23.99 -28.74 6.10
N ALA A 179 24.98 -28.18 5.40
CA ALA A 179 25.37 -26.79 5.57
C ALA A 179 24.30 -25.85 5.01
N GLY A 180 23.47 -26.37 4.12
CA GLY A 180 22.43 -25.56 3.51
C GLY A 180 22.61 -25.27 2.03
N PHE A 181 23.75 -25.66 1.46
CA PHE A 181 24.01 -25.43 0.04
C PHE A 181 22.94 -26.02 -0.87
N ASP A 182 22.64 -25.33 -1.97
CA ASP A 182 21.63 -25.77 -2.91
C ASP A 182 22.15 -26.91 -3.78
N GLY A 183 23.47 -27.05 -3.84
CA GLY A 183 24.08 -28.10 -4.65
C GLY A 183 25.58 -28.09 -4.53
N VAL A 184 26.25 -28.96 -5.27
CA VAL A 184 27.69 -29.00 -5.22
C VAL A 184 28.24 -29.11 -6.63
N GLU A 185 29.45 -28.58 -6.81
CA GLU A 185 30.12 -28.62 -8.08
C GLU A 185 31.35 -29.46 -7.79
N ILE A 186 31.50 -30.53 -8.55
CA ILE A 186 32.64 -31.42 -8.40
C ILE A 186 33.84 -30.76 -9.10
N HIS A 187 34.97 -30.70 -8.42
CA HIS A 187 36.12 -30.07 -9.03
C HIS A 187 36.92 -31.02 -9.92
N GLY A 188 36.52 -31.13 -11.18
CA GLY A 188 37.21 -32.02 -12.08
C GLY A 188 38.18 -31.29 -12.99
N ALA A 189 38.67 -30.13 -12.55
CA ALA A 189 39.59 -29.37 -13.38
C ALA A 189 40.92 -28.99 -12.75
N HIS A 190 41.65 -28.15 -13.49
CA HIS A 190 42.94 -27.57 -13.12
C HIS A 190 44.03 -28.45 -12.50
N GLY A 191 44.14 -29.67 -13.00
CA GLY A 191 45.16 -30.57 -12.51
C GLY A 191 45.06 -31.08 -11.09
N TYR A 192 43.87 -31.05 -10.50
CA TYR A 192 43.75 -31.58 -9.15
C TYR A 192 43.46 -33.08 -9.22
N LEU A 193 43.16 -33.72 -8.09
CA LEU A 193 42.95 -35.18 -8.09
C LEU A 193 42.12 -35.77 -9.23
N ILE A 194 40.90 -35.31 -9.41
CA ILE A 194 40.09 -35.84 -10.49
C ILE A 194 40.75 -35.64 -11.87
N ASP A 195 41.19 -34.42 -12.16
CA ASP A 195 41.84 -34.14 -13.45
C ASP A 195 43.13 -34.96 -13.62
N GLN A 196 43.84 -35.21 -12.52
CA GLN A 196 45.07 -36.00 -12.59
C GLN A 196 44.77 -37.36 -13.19
N PHE A 197 43.62 -37.94 -12.83
CA PHE A 197 43.23 -39.24 -13.37
C PHE A 197 42.79 -39.14 -14.84
N MET A 198 42.12 -38.04 -15.20
CA MET A 198 41.67 -37.85 -16.58
C MET A 198 42.76 -37.59 -17.62
N LYS A 199 43.70 -36.70 -17.29
CA LYS A 199 44.78 -36.31 -18.19
C LYS A 199 45.84 -37.39 -18.40
N ASP A 200 46.14 -37.72 -19.65
CA ASP A 200 47.12 -38.76 -19.94
C ASP A 200 48.59 -38.42 -19.67
N GLN A 201 48.91 -37.13 -19.57
CA GLN A 201 50.28 -36.72 -19.28
C GLN A 201 50.59 -37.04 -17.82
N VAL A 202 49.56 -37.41 -17.07
CA VAL A 202 49.73 -37.70 -15.66
C VAL A 202 49.40 -39.16 -15.33
N ASN A 203 48.21 -39.60 -15.70
CA ASN A 203 47.74 -40.95 -15.44
C ASN A 203 48.53 -42.01 -16.20
N ASP A 204 49.36 -42.74 -15.46
CA ASP A 204 50.19 -43.79 -16.04
C ASP A 204 49.81 -45.15 -15.44
N ARG A 205 48.56 -45.28 -15.04
CA ARG A 205 48.08 -46.52 -14.43
C ARG A 205 47.94 -47.69 -15.39
N SER A 206 48.09 -48.89 -14.84
CA SER A 206 47.98 -50.14 -15.58
C SER A 206 46.70 -50.88 -15.21
N ASP A 207 45.97 -50.36 -14.21
CA ASP A 207 44.73 -50.99 -13.80
C ASP A 207 43.57 -50.38 -14.59
N LYS A 208 42.34 -50.56 -14.10
CA LYS A 208 41.17 -50.06 -14.79
C LYS A 208 40.95 -48.54 -14.72
N TYR A 209 41.72 -47.86 -13.88
CA TYR A 209 41.58 -46.41 -13.75
C TYR A 209 42.60 -45.71 -14.63
N GLY A 210 43.28 -46.46 -15.48
CA GLY A 210 44.27 -45.88 -16.36
C GLY A 210 44.29 -46.62 -17.68
N GLY A 211 45.10 -46.12 -18.62
CA GLY A 211 45.19 -46.74 -19.92
C GLY A 211 44.35 -46.05 -20.98
N SER A 212 43.12 -46.51 -21.13
CA SER A 212 42.23 -45.93 -22.13
C SER A 212 41.53 -44.68 -21.63
N LEU A 213 40.92 -43.96 -22.56
CA LEU A 213 40.19 -42.74 -22.24
C LEU A 213 39.04 -43.11 -21.31
N GLU A 214 38.41 -44.26 -21.56
CA GLU A 214 37.30 -44.71 -20.73
C GLU A 214 37.79 -44.96 -19.30
N ASN A 215 38.97 -45.53 -19.18
CA ASN A 215 39.53 -45.85 -17.88
C ASN A 215 39.96 -44.60 -17.09
N ARG A 216 40.62 -43.66 -17.77
CA ARG A 216 41.08 -42.42 -17.17
C ARG A 216 39.94 -41.56 -16.63
N CYS A 217 38.76 -41.69 -17.23
CA CYS A 217 37.60 -40.93 -16.79
C CYS A 217 36.77 -41.69 -15.78
N ARG A 218 37.12 -42.93 -15.52
CA ARG A 218 36.37 -43.75 -14.59
C ARG A 218 36.25 -43.12 -13.20
N PHE A 219 37.38 -42.64 -12.68
CA PHE A 219 37.37 -42.02 -11.35
C PHE A 219 36.33 -40.91 -11.29
N ALA A 220 36.42 -39.98 -12.23
CA ALA A 220 35.48 -38.86 -12.31
C ALA A 220 34.04 -39.35 -12.34
N LEU A 221 33.75 -40.24 -13.29
CA LEU A 221 32.41 -40.76 -13.45
C LEU A 221 31.92 -41.52 -12.23
N GLU A 222 32.83 -42.22 -11.55
CA GLU A 222 32.45 -42.93 -10.33
C GLU A 222 32.08 -41.89 -9.27
N ILE A 223 32.81 -40.78 -9.26
CA ILE A 223 32.55 -39.71 -8.31
C ILE A 223 31.20 -39.07 -8.62
N VAL A 224 30.95 -38.76 -9.89
CA VAL A 224 29.68 -38.15 -10.25
C VAL A 224 28.52 -39.04 -9.81
N GLU A 225 28.67 -40.35 -10.03
CA GLU A 225 27.64 -41.29 -9.67
C GLU A 225 27.46 -41.40 -8.16
N ALA A 226 28.57 -41.40 -7.42
CA ALA A 226 28.49 -41.47 -5.97
C ALA A 226 27.71 -40.27 -5.43
N VAL A 227 28.06 -39.07 -5.91
CA VAL A 227 27.43 -37.83 -5.47
C VAL A 227 25.98 -37.68 -5.93
N ALA A 228 25.72 -37.89 -7.21
CA ALA A 228 24.35 -37.78 -7.72
C ALA A 228 23.42 -38.66 -6.89
N ASN A 229 23.86 -39.90 -6.66
CA ASN A 229 23.10 -40.87 -5.88
C ASN A 229 22.87 -40.41 -4.45
N GLU A 230 23.87 -39.76 -3.86
CA GLU A 230 23.76 -39.31 -2.48
C GLU A 230 22.84 -38.11 -2.29
N ILE A 231 22.97 -37.12 -3.16
CA ILE A 231 22.15 -35.92 -3.01
C ILE A 231 21.17 -35.60 -4.13
N GLY A 232 21.11 -36.46 -5.15
CA GLY A 232 20.21 -36.22 -6.26
C GLY A 232 20.92 -35.45 -7.36
N SER A 233 20.99 -36.04 -8.55
CA SER A 233 21.68 -35.43 -9.68
C SER A 233 21.25 -34.00 -10.01
N ASP A 234 20.04 -33.64 -9.61
CA ASP A 234 19.54 -32.29 -9.87
C ASP A 234 20.23 -31.23 -8.98
N ARG A 235 21.02 -31.70 -8.01
CA ARG A 235 21.75 -30.82 -7.09
C ARG A 235 23.27 -30.93 -7.34
N VAL A 236 23.62 -31.48 -8.49
CA VAL A 236 25.02 -31.73 -8.83
C VAL A 236 25.54 -31.11 -10.12
N GLY A 237 26.70 -30.46 -10.02
CA GLY A 237 27.31 -29.87 -11.19
C GLY A 237 28.73 -30.40 -11.21
N ILE A 238 29.40 -30.27 -12.35
CA ILE A 238 30.79 -30.71 -12.43
C ILE A 238 31.62 -29.73 -13.29
N ARG A 239 32.86 -29.48 -12.88
CA ARG A 239 33.71 -28.59 -13.64
C ARG A 239 34.89 -29.33 -14.23
N ILE A 240 35.17 -29.05 -15.49
CA ILE A 240 36.30 -29.70 -16.14
C ILE A 240 37.05 -28.67 -16.97
N SER A 241 38.32 -28.97 -17.23
CA SER A 241 39.18 -28.08 -18.02
C SER A 241 40.02 -28.96 -18.95
N PRO A 242 39.40 -29.59 -19.94
CA PRO A 242 40.08 -30.47 -20.90
C PRO A 242 41.29 -29.83 -21.58
N PHE A 243 41.19 -28.54 -21.87
CA PHE A 243 42.27 -27.82 -22.55
C PHE A 243 43.33 -27.17 -21.66
N ALA A 244 43.17 -27.21 -20.34
CA ALA A 244 44.16 -26.58 -19.46
C ALA A 244 45.35 -27.47 -19.11
N HIS A 245 46.51 -26.84 -18.90
CA HIS A 245 47.73 -27.57 -18.57
C HIS A 245 48.22 -27.23 -17.16
N TYR A 246 47.38 -26.48 -16.45
CA TYR A 246 47.63 -26.06 -15.08
C TYR A 246 48.10 -27.26 -14.23
N ASN A 247 49.15 -27.06 -13.44
CA ASN A 247 49.71 -28.10 -12.59
C ASN A 247 50.21 -29.31 -13.39
N GLU A 248 50.96 -29.02 -14.44
CA GLU A 248 51.55 -30.02 -15.32
C GLU A 248 50.59 -31.15 -15.65
N ALA A 249 49.36 -30.82 -16.01
CA ALA A 249 48.35 -31.83 -16.32
C ALA A 249 47.64 -31.68 -17.66
N GLY A 250 48.38 -31.80 -18.76
CA GLY A 250 47.78 -31.70 -20.07
C GLY A 250 47.33 -33.07 -20.57
N ASP A 251 46.74 -33.10 -21.76
CA ASP A 251 46.27 -34.35 -22.37
C ASP A 251 46.55 -34.23 -23.88
N THR A 252 47.07 -35.29 -24.49
CA THR A 252 47.39 -35.28 -25.92
C THR A 252 46.17 -35.18 -26.83
N ASN A 253 44.98 -35.32 -26.27
CA ASN A 253 43.75 -35.24 -27.07
C ASN A 253 42.63 -34.58 -26.29
N PRO A 254 42.79 -33.28 -25.94
CA PRO A 254 41.85 -32.45 -25.19
C PRO A 254 40.39 -32.56 -25.60
N THR A 255 40.15 -32.32 -26.89
CA THR A 255 38.83 -32.37 -27.47
C THR A 255 38.13 -33.72 -27.34
N ALA A 256 38.86 -34.82 -27.54
CA ALA A 256 38.27 -36.13 -27.41
C ALA A 256 37.96 -36.36 -25.92
N LEU A 257 38.90 -35.96 -25.06
CA LEU A 257 38.69 -36.10 -23.62
C LEU A 257 37.45 -35.32 -23.24
N GLY A 258 37.36 -34.09 -23.75
CA GLY A 258 36.22 -33.25 -23.45
C GLY A 258 34.93 -33.80 -23.99
N LEU A 259 34.99 -34.35 -25.21
CA LEU A 259 33.80 -34.90 -25.84
C LEU A 259 33.38 -36.17 -25.10
N TYR A 260 34.37 -36.98 -24.71
CA TYR A 260 34.09 -38.22 -24.02
C TYR A 260 33.38 -37.89 -22.71
N MET A 261 33.88 -36.87 -22.02
CA MET A 261 33.29 -36.49 -20.75
C MET A 261 31.86 -35.98 -20.85
N VAL A 262 31.61 -35.00 -21.70
CA VAL A 262 30.24 -34.49 -21.78
C VAL A 262 29.29 -35.60 -22.21
N GLU A 263 29.69 -36.38 -23.21
CA GLU A 263 28.83 -37.46 -23.66
C GLU A 263 28.50 -38.37 -22.48
N SER A 264 29.55 -38.80 -21.77
CA SER A 264 29.43 -39.67 -20.61
C SER A 264 28.57 -39.11 -19.49
N LEU A 265 28.53 -37.78 -19.36
CA LEU A 265 27.75 -37.14 -18.29
C LEU A 265 26.26 -37.00 -18.61
N ASN A 266 25.90 -37.07 -19.89
CA ASN A 266 24.50 -36.95 -20.28
C ASN A 266 23.58 -37.95 -19.57
N LYS A 267 24.07 -39.15 -19.32
CA LYS A 267 23.26 -40.18 -18.67
C LYS A 267 22.94 -39.91 -17.20
N TYR A 268 23.70 -39.01 -16.58
CA TYR A 268 23.49 -38.70 -15.17
C TYR A 268 22.52 -37.58 -14.88
N ASP A 269 21.97 -36.96 -15.92
CA ASP A 269 20.98 -35.91 -15.74
C ASP A 269 21.38 -34.88 -14.66
N LEU A 270 22.55 -34.28 -14.82
CA LEU A 270 23.06 -33.30 -13.85
C LEU A 270 22.41 -31.91 -13.93
N ALA A 271 22.70 -31.07 -12.94
CA ALA A 271 22.16 -29.72 -12.93
C ALA A 271 22.92 -28.89 -13.99
N TYR A 272 24.18 -29.23 -14.26
CA TYR A 272 24.96 -28.51 -15.26
C TYR A 272 26.36 -29.08 -15.48
N CYS A 273 27.02 -28.62 -16.54
CA CYS A 273 28.39 -28.99 -16.83
C CYS A 273 29.12 -27.66 -17.05
N HIS A 274 30.11 -27.39 -16.20
CA HIS A 274 30.89 -26.15 -16.22
C HIS A 274 32.22 -26.45 -16.92
N VAL A 275 32.47 -25.78 -18.04
CA VAL A 275 33.69 -26.06 -18.78
C VAL A 275 34.49 -24.79 -18.98
N VAL A 276 35.80 -24.90 -18.77
CA VAL A 276 36.69 -23.75 -18.91
C VAL A 276 37.22 -23.62 -20.32
N GLU A 277 37.28 -22.37 -20.79
CA GLU A 277 37.77 -22.03 -22.13
C GLU A 277 39.26 -22.25 -22.24
N PRO A 278 39.76 -22.46 -23.47
CA PRO A 278 41.18 -22.69 -23.78
C PRO A 278 42.03 -21.43 -23.56
N ARG A 279 43.32 -21.63 -23.31
CA ARG A 279 44.29 -20.55 -23.08
C ARG A 279 43.68 -19.16 -23.03
N THR A 290 41.05 -25.00 -33.95
CA THR A 290 41.91 -25.09 -32.77
C THR A 290 41.23 -25.93 -31.67
N GLU A 291 41.02 -25.28 -30.52
CA GLU A 291 40.38 -25.93 -29.38
C GLU A 291 39.08 -25.17 -29.16
N SER A 292 37.98 -25.90 -29.01
CA SER A 292 36.71 -25.24 -28.85
C SER A 292 35.74 -25.98 -27.94
N LEU A 293 34.91 -25.23 -27.25
CA LEU A 293 33.93 -25.83 -26.37
C LEU A 293 32.66 -26.13 -27.16
N VAL A 294 32.56 -25.54 -28.34
CA VAL A 294 31.38 -25.75 -29.19
C VAL A 294 31.04 -27.22 -29.35
N PRO A 295 31.99 -28.04 -29.81
CA PRO A 295 31.70 -29.46 -29.98
C PRO A 295 31.17 -30.06 -28.66
N MET A 296 31.71 -29.60 -27.53
CA MET A 296 31.30 -30.11 -26.23
C MET A 296 29.87 -29.66 -25.88
N ARG A 297 29.57 -28.42 -26.22
CA ARG A 297 28.26 -27.86 -25.95
C ARG A 297 27.23 -28.62 -26.79
N LYS A 298 27.63 -28.94 -28.02
CA LYS A 298 26.75 -29.64 -28.93
C LYS A 298 26.49 -31.07 -28.47
N ALA A 299 27.52 -31.71 -27.92
CA ALA A 299 27.39 -33.07 -27.44
C ALA A 299 26.69 -33.16 -26.09
N TYR A 300 26.79 -32.10 -25.28
CA TYR A 300 26.18 -32.10 -23.96
C TYR A 300 24.72 -31.65 -24.04
N LYS A 301 23.83 -32.42 -23.43
CA LYS A 301 22.40 -32.12 -23.46
C LYS A 301 21.84 -31.18 -22.39
N GLY A 302 22.57 -30.99 -21.29
CA GLY A 302 22.06 -30.12 -20.24
C GLY A 302 22.62 -28.71 -20.23
N THR A 303 22.47 -28.03 -19.10
CA THR A 303 22.96 -26.66 -18.93
C THR A 303 24.49 -26.61 -19.03
N PHE A 304 25.00 -25.76 -19.90
CA PHE A 304 26.44 -25.62 -20.14
C PHE A 304 26.97 -24.28 -19.62
N ILE A 305 27.95 -24.30 -18.73
CA ILE A 305 28.49 -23.06 -18.21
C ILE A 305 29.92 -22.88 -18.70
N VAL A 306 30.22 -21.71 -19.26
CA VAL A 306 31.56 -21.44 -19.75
C VAL A 306 32.22 -20.39 -18.88
N ALA A 307 33.54 -20.45 -18.78
CA ALA A 307 34.28 -19.48 -17.98
C ALA A 307 35.67 -19.29 -18.53
N GLY A 308 36.23 -18.12 -18.29
CA GLY A 308 37.58 -17.85 -18.75
C GLY A 308 37.76 -16.71 -19.73
N GLY A 309 38.18 -15.56 -19.23
CA GLY A 309 38.42 -14.39 -20.07
C GLY A 309 37.25 -13.61 -20.62
N TYR A 310 36.07 -13.82 -20.04
CA TYR A 310 34.87 -13.13 -20.50
C TYR A 310 34.68 -11.73 -19.93
N ASP A 311 33.98 -10.90 -20.71
CA ASP A 311 33.64 -9.55 -20.29
C ASP A 311 32.15 -9.44 -20.59
N ARG A 312 31.60 -8.24 -20.56
CA ARG A 312 30.18 -8.09 -20.83
C ARG A 312 29.83 -8.43 -22.28
N GLU A 313 30.64 -7.95 -23.21
CA GLU A 313 30.41 -8.21 -24.63
C GLU A 313 30.49 -9.72 -24.97
N ASP A 314 31.65 -10.33 -24.69
CA ASP A 314 31.85 -11.75 -24.95
C ASP A 314 30.78 -12.63 -24.30
N GLY A 315 30.24 -12.17 -23.17
CA GLY A 315 29.21 -12.93 -22.48
C GLY A 315 27.92 -12.97 -23.26
N ASN A 316 27.40 -11.79 -23.58
CA ASN A 316 26.16 -11.71 -24.35
C ASN A 316 26.30 -12.49 -25.66
N ARG A 317 27.46 -12.38 -26.30
CA ARG A 317 27.70 -13.08 -27.56
C ARG A 317 27.62 -14.60 -27.42
N ALA A 318 28.38 -15.14 -26.47
CA ALA A 318 28.38 -16.58 -26.23
C ALA A 318 26.97 -17.09 -26.03
N LEU A 319 26.16 -16.35 -25.27
CA LEU A 319 24.78 -16.73 -25.02
C LEU A 319 23.94 -16.62 -26.30
N ILE A 320 24.15 -15.54 -27.04
CA ILE A 320 23.41 -15.29 -28.27
C ILE A 320 23.81 -16.28 -29.38
N GLU A 321 25.07 -16.71 -29.38
CA GLU A 321 25.59 -17.66 -30.36
C GLU A 321 25.41 -19.12 -29.92
N ASP A 322 24.55 -19.31 -28.91
CA ASP A 322 24.26 -20.64 -28.41
C ASP A 322 25.47 -21.43 -27.87
N ARG A 323 26.53 -20.72 -27.46
CA ARG A 323 27.74 -21.38 -26.95
C ARG A 323 27.64 -21.78 -25.47
N ALA A 324 26.67 -21.23 -24.76
CA ALA A 324 26.49 -21.54 -23.35
C ALA A 324 25.13 -21.09 -22.87
N ASP A 325 24.72 -21.58 -21.71
CA ASP A 325 23.45 -21.18 -21.14
C ASP A 325 23.81 -20.24 -20.00
N LEU A 326 24.98 -20.43 -19.43
CA LEU A 326 25.42 -19.57 -18.34
C LEU A 326 26.88 -19.19 -18.50
N VAL A 327 27.24 -18.01 -18.02
CA VAL A 327 28.60 -17.54 -18.11
C VAL A 327 29.13 -17.17 -16.72
N ALA A 328 30.22 -17.82 -16.32
CA ALA A 328 30.84 -17.58 -15.02
C ALA A 328 31.95 -16.51 -15.12
N TYR A 329 31.99 -15.64 -14.12
CA TYR A 329 32.98 -14.58 -14.08
C TYR A 329 33.82 -14.69 -12.80
N GLY A 330 35.13 -14.67 -12.97
CA GLY A 330 36.03 -14.76 -11.83
C GLY A 330 36.55 -13.41 -11.38
N ARG A 331 37.67 -12.99 -11.97
CA ARG A 331 38.34 -11.74 -11.63
C ARG A 331 37.45 -10.50 -11.57
N LEU A 332 36.53 -10.38 -12.53
CA LEU A 332 35.61 -9.25 -12.57
C LEU A 332 34.60 -9.27 -11.42
N PHE A 333 34.26 -10.46 -10.93
CA PHE A 333 33.30 -10.57 -9.82
C PHE A 333 34.05 -10.28 -8.50
N ILE A 334 35.38 -10.43 -8.55
CA ILE A 334 36.20 -10.18 -7.37
C ILE A 334 36.17 -8.69 -7.07
N SER A 335 36.43 -7.88 -8.10
CA SER A 335 36.47 -6.43 -7.95
C SER A 335 35.13 -5.70 -8.13
N ASN A 336 34.09 -6.44 -8.51
CA ASN A 336 32.78 -5.85 -8.71
C ASN A 336 31.71 -6.67 -7.97
N PRO A 337 31.33 -6.24 -6.76
CA PRO A 337 30.33 -6.95 -5.97
C PRO A 337 29.01 -7.05 -6.75
N ASP A 338 28.64 -5.95 -7.40
CA ASP A 338 27.41 -5.89 -8.18
C ASP A 338 27.65 -6.10 -9.68
N LEU A 339 28.40 -7.15 -10.03
CA LEU A 339 28.71 -7.44 -11.42
C LEU A 339 27.47 -7.50 -12.30
N PRO A 340 26.45 -8.26 -11.90
CA PRO A 340 25.23 -8.36 -12.70
C PRO A 340 24.58 -7.00 -12.92
N LYS A 341 24.43 -6.24 -11.85
CA LYS A 341 23.83 -4.94 -11.94
C LYS A 341 24.62 -4.06 -12.91
N ARG A 342 25.95 -4.10 -12.83
CA ARG A 342 26.78 -3.29 -13.72
C ARG A 342 26.63 -3.72 -15.17
N PHE A 343 26.41 -5.02 -15.39
CA PHE A 343 26.24 -5.49 -16.75
C PHE A 343 24.87 -5.06 -17.26
N GLU A 344 23.86 -5.24 -16.42
CA GLU A 344 22.50 -4.86 -16.74
C GLU A 344 22.39 -3.37 -17.09
N LEU A 345 23.21 -2.54 -16.46
CA LEU A 345 23.17 -1.10 -16.73
C LEU A 345 24.36 -0.64 -17.58
N ASN A 346 25.19 -1.59 -17.99
CA ASN A 346 26.39 -1.32 -18.78
C ASN A 346 27.21 -0.18 -18.14
N ALA A 347 27.40 -0.29 -16.83
CA ALA A 347 28.16 0.70 -16.05
C ALA A 347 29.65 0.40 -16.08
N PRO A 348 30.47 1.36 -15.65
CA PRO A 348 31.91 1.06 -15.67
C PRO A 348 32.19 -0.05 -14.65
N LEU A 349 33.35 -0.68 -14.78
CA LEU A 349 33.72 -1.76 -13.88
C LEU A 349 34.97 -1.40 -13.10
N ASN A 350 35.01 -1.84 -11.84
CA ASN A 350 36.17 -1.60 -10.99
C ASN A 350 37.29 -2.48 -11.51
N LYS A 351 38.52 -1.99 -11.45
CA LYS A 351 39.66 -2.78 -11.89
C LYS A 351 39.93 -3.74 -10.72
N TYR A 352 40.53 -4.90 -10.99
CA TYR A 352 40.82 -5.82 -9.91
C TYR A 352 42.30 -5.87 -9.60
N ASN A 353 42.62 -5.96 -8.32
CA ASN A 353 44.01 -5.98 -7.91
C ASN A 353 44.46 -7.40 -7.56
N ARG A 354 45.06 -8.07 -8.53
CA ARG A 354 45.52 -9.44 -8.34
C ARG A 354 46.46 -9.65 -7.16
N ASP A 355 47.07 -8.57 -6.69
CA ASP A 355 47.99 -8.64 -5.57
C ASP A 355 47.30 -9.01 -4.28
N THR A 356 45.99 -8.80 -4.21
CA THR A 356 45.24 -9.17 -3.01
C THR A 356 44.27 -10.32 -3.25
N PHE A 357 44.46 -11.03 -4.35
CA PHE A 357 43.59 -12.17 -4.67
C PHE A 357 43.71 -13.23 -3.58
N TYR A 358 44.97 -13.56 -3.29
CA TYR A 358 45.31 -14.60 -2.33
C TYR A 358 45.90 -14.13 -1.01
N THR A 359 45.96 -12.82 -0.79
CA THR A 359 46.51 -12.34 0.47
C THR A 359 45.54 -12.72 1.60
N SER A 360 45.92 -12.56 2.86
CA SER A 360 45.06 -13.02 3.94
C SER A 360 44.25 -12.05 4.79
N ASP A 361 44.09 -10.81 4.35
CA ASP A 361 43.32 -9.87 5.16
C ASP A 361 41.84 -10.12 5.00
N PRO A 362 41.06 -10.01 6.10
CA PRO A 362 39.61 -10.24 6.08
C PRO A 362 38.83 -9.22 5.25
N ILE A 363 39.44 -8.07 4.99
CA ILE A 363 38.78 -6.99 4.26
C ILE A 363 39.49 -6.60 2.96
N VAL A 364 40.69 -6.05 3.11
CA VAL A 364 41.47 -5.57 1.98
C VAL A 364 41.54 -6.53 0.78
N GLY A 365 40.85 -6.15 -0.29
CA GLY A 365 40.85 -6.95 -1.52
C GLY A 365 39.86 -8.08 -1.51
N TYR A 366 38.97 -8.06 -0.54
CA TYR A 366 38.00 -9.13 -0.40
C TYR A 366 36.58 -8.58 -0.29
N THR A 367 36.43 -7.52 0.49
CA THR A 367 35.11 -6.91 0.68
C THR A 367 35.13 -5.40 0.58
N ASP A 368 36.26 -4.81 0.23
CA ASP A 368 36.35 -3.36 0.13
C ASP A 368 36.20 -2.82 -1.28
N TYR A 369 35.76 -3.66 -2.20
CA TYR A 369 35.53 -3.19 -3.57
C TYR A 369 34.14 -2.56 -3.51
N PRO A 370 34.03 -1.31 -3.97
CA PRO A 370 32.76 -0.57 -3.95
C PRO A 370 31.70 -0.95 -4.97
N PHE A 371 30.46 -0.72 -4.56
CA PHE A 371 29.29 -0.94 -5.39
C PHE A 371 29.10 0.35 -6.19
N LEU A 372 28.20 0.34 -7.15
CA LEU A 372 27.94 1.54 -7.95
C LEU A 372 27.50 2.69 -7.04
N GLU A 373 27.93 3.90 -7.37
CA GLU A 373 27.55 5.07 -6.58
C GLU A 373 26.21 5.59 -7.09
N GLN B 10 -20.32 -7.47 3.48
CA GLN B 10 -20.78 -6.29 4.26
C GLN B 10 -22.26 -6.42 4.62
N VAL B 11 -22.99 -5.31 4.50
CA VAL B 11 -24.44 -5.28 4.77
C VAL B 11 -25.09 -4.77 3.48
N ASP B 12 -26.26 -5.29 3.15
CA ASP B 12 -26.94 -4.87 1.92
C ASP B 12 -27.07 -3.37 1.82
N LYS B 13 -26.78 -2.82 0.65
CA LYS B 13 -26.90 -1.39 0.43
C LYS B 13 -28.35 -0.95 0.64
N ILE B 14 -28.54 0.30 1.01
CA ILE B 14 -29.87 0.83 1.21
C ILE B 14 -30.05 2.17 0.48
N PRO B 15 -31.30 2.49 0.12
CA PRO B 15 -31.68 3.72 -0.60
C PRO B 15 -31.14 5.00 0.08
N LEU B 16 -31.14 5.01 1.42
CA LEU B 16 -30.64 6.15 2.17
C LEU B 16 -29.19 6.52 1.89
N MET B 17 -28.39 5.54 1.46
CA MET B 17 -26.99 5.80 1.15
C MET B 17 -26.73 6.07 -0.33
N SER B 18 -27.81 6.13 -1.10
CA SER B 18 -27.71 6.36 -2.54
C SER B 18 -27.34 7.79 -2.88
N PRO B 19 -26.43 7.96 -3.84
CA PRO B 19 -26.04 9.33 -4.22
C PRO B 19 -27.29 10.03 -4.74
N CYS B 20 -27.26 11.36 -4.76
CA CYS B 20 -28.39 12.14 -5.22
C CYS B 20 -27.93 13.47 -5.79
N LYS B 21 -28.49 13.83 -6.93
CA LYS B 21 -28.16 15.10 -7.54
C LYS B 21 -29.25 16.05 -7.05
N MET B 22 -28.83 17.16 -6.47
CA MET B 22 -29.77 18.17 -5.98
C MET B 22 -29.30 19.52 -6.51
N GLY B 23 -29.93 19.98 -7.58
CA GLY B 23 -29.53 21.24 -8.17
C GLY B 23 -28.10 21.11 -8.66
N LYS B 24 -27.27 22.07 -8.28
CA LYS B 24 -25.86 22.07 -8.66
C LYS B 24 -25.01 21.17 -7.77
N PHE B 25 -25.64 20.51 -6.80
CA PHE B 25 -24.86 19.67 -5.89
C PHE B 25 -24.99 18.18 -6.09
N GLU B 26 -23.85 17.51 -5.90
CA GLU B 26 -23.76 16.07 -6.00
C GLU B 26 -23.67 15.50 -4.59
N LEU B 27 -24.79 15.05 -4.04
CA LEU B 27 -24.79 14.48 -2.69
C LEU B 27 -24.41 13.01 -2.78
N CYS B 28 -23.65 12.53 -1.80
CA CYS B 28 -23.21 11.14 -1.80
C CYS B 28 -24.20 10.20 -1.08
N HIS B 29 -25.19 10.79 -0.42
CA HIS B 29 -26.22 10.01 0.27
C HIS B 29 -27.42 10.90 0.57
N ARG B 30 -28.48 10.31 1.10
CA ARG B 30 -29.69 11.07 1.35
C ARG B 30 -30.07 11.34 2.80
N VAL B 31 -29.19 11.02 3.74
CA VAL B 31 -29.48 11.30 5.14
C VAL B 31 -29.11 12.77 5.36
N VAL B 32 -30.12 13.60 5.61
CA VAL B 32 -29.90 15.03 5.82
C VAL B 32 -29.99 15.43 7.29
N LEU B 33 -29.10 16.34 7.70
CA LEU B 33 -29.14 16.86 9.06
C LEU B 33 -30.18 17.97 9.09
N ALA B 34 -31.25 17.75 9.83
CA ALA B 34 -32.32 18.72 9.96
C ALA B 34 -31.82 19.92 10.76
N PRO B 35 -32.46 21.09 10.58
CA PRO B 35 -32.08 22.32 11.31
C PRO B 35 -32.30 22.09 12.80
N LEU B 36 -31.34 22.47 13.64
CA LEU B 36 -31.51 22.25 15.08
C LEU B 36 -31.04 23.37 16.00
N THR B 37 -32.00 24.07 16.57
CA THR B 37 -31.73 25.14 17.52
C THR B 37 -31.22 24.51 18.81
N ARG B 38 -29.98 24.83 19.16
CA ARG B 38 -29.36 24.27 20.35
C ARG B 38 -29.09 25.32 21.44
N GLN B 39 -29.35 26.57 21.12
CA GLN B 39 -29.17 27.68 22.06
C GLN B 39 -27.81 27.71 22.78
N ARG B 40 -26.75 27.46 22.01
CA ARG B 40 -25.41 27.47 22.56
C ARG B 40 -24.55 28.55 21.87
N SER B 41 -25.23 29.56 21.32
CA SER B 41 -24.54 30.65 20.63
C SER B 41 -24.56 31.93 21.46
N TYR B 42 -23.76 31.92 22.52
CA TYR B 42 -23.61 33.02 23.47
C TYR B 42 -23.57 34.37 22.74
N GLY B 43 -24.42 35.29 23.19
CA GLY B 43 -24.47 36.61 22.60
C GLY B 43 -24.92 36.63 21.15
N TYR B 44 -25.67 35.61 20.74
CA TYR B 44 -26.17 35.52 19.37
C TYR B 44 -25.01 35.45 18.39
N ILE B 45 -23.91 34.88 18.86
CA ILE B 45 -22.72 34.74 18.05
C ILE B 45 -22.31 33.27 17.96
N PRO B 46 -22.09 32.76 16.73
CA PRO B 46 -21.68 31.36 16.55
C PRO B 46 -20.44 31.15 17.40
N GLN B 47 -20.37 30.02 18.10
CA GLN B 47 -19.22 29.74 18.97
C GLN B 47 -18.30 28.64 18.49
N PRO B 48 -17.06 28.64 18.99
CA PRO B 48 -16.05 27.64 18.63
C PRO B 48 -16.57 26.21 18.67
N HIS B 49 -17.25 25.85 19.76
CA HIS B 49 -17.75 24.49 19.90
C HIS B 49 -18.69 24.05 18.78
N ALA B 50 -19.26 25.01 18.06
CA ALA B 50 -20.14 24.66 16.94
C ALA B 50 -19.25 24.10 15.80
N ILE B 51 -17.98 24.50 15.80
CA ILE B 51 -17.04 24.03 14.77
C ILE B 51 -16.92 22.52 14.93
N LEU B 52 -16.71 22.07 16.17
CA LEU B 52 -16.59 20.65 16.45
C LEU B 52 -17.93 19.94 16.20
N HIS B 53 -19.01 20.57 16.66
CA HIS B 53 -20.33 19.97 16.50
C HIS B 53 -20.71 19.61 15.05
N TYR B 54 -20.75 20.61 14.18
CA TYR B 54 -21.09 20.38 12.79
C TYR B 54 -20.04 19.52 12.11
N SER B 55 -18.80 19.64 12.58
CA SER B 55 -17.72 18.84 12.03
C SER B 55 -17.95 17.35 12.32
N GLN B 56 -18.38 17.02 13.53
CA GLN B 56 -18.63 15.62 13.91
C GLN B 56 -19.72 14.95 13.07
N ARG B 57 -20.68 15.74 12.59
CA ARG B 57 -21.79 15.24 11.79
C ARG B 57 -21.63 15.47 10.30
N SER B 58 -20.41 15.79 9.90
CA SER B 58 -20.14 16.09 8.51
C SER B 58 -19.62 14.87 7.73
N THR B 59 -20.08 14.71 6.49
CA THR B 59 -19.63 13.60 5.66
C THR B 59 -19.39 14.10 4.24
N ASN B 60 -18.62 13.34 3.46
CA ASN B 60 -18.34 13.73 2.09
C ASN B 60 -19.61 13.60 1.25
N GLY B 61 -20.12 14.73 0.79
CA GLY B 61 -21.33 14.76 -0.01
C GLY B 61 -22.62 14.69 0.80
N GLY B 62 -22.53 14.89 2.12
CA GLY B 62 -23.71 14.84 2.97
C GLY B 62 -24.31 16.22 3.16
N LEU B 63 -25.63 16.32 3.09
CA LEU B 63 -26.27 17.61 3.26
C LEU B 63 -26.51 17.96 4.72
N LEU B 64 -26.05 19.15 5.10
CA LEU B 64 -26.22 19.65 6.45
C LEU B 64 -26.96 20.97 6.42
N ILE B 65 -27.99 21.08 7.25
CA ILE B 65 -28.75 22.31 7.34
C ILE B 65 -28.53 22.85 8.74
N GLY B 66 -27.95 24.05 8.80
CA GLY B 66 -27.68 24.65 10.10
C GLY B 66 -28.91 24.97 10.90
N GLU B 67 -28.70 25.29 12.17
CA GLU B 67 -29.76 25.67 13.08
C GLU B 67 -30.36 27.01 12.65
N ALA B 68 -31.63 27.23 12.94
CA ALA B 68 -32.28 28.49 12.59
C ALA B 68 -31.40 29.65 13.00
N THR B 69 -31.03 30.48 12.02
CA THR B 69 -30.17 31.65 12.22
C THR B 69 -30.95 32.93 11.98
N VAL B 70 -30.93 33.81 12.97
CA VAL B 70 -31.67 35.07 12.97
C VAL B 70 -31.20 36.12 11.95
N ILE B 71 -32.14 36.69 11.21
CA ILE B 71 -31.82 37.67 10.19
C ILE B 71 -31.70 39.12 10.63
N SER B 72 -32.19 39.45 11.82
CA SER B 72 -32.13 40.81 12.30
C SER B 72 -32.46 40.89 13.78
N GLU B 73 -32.21 42.05 14.38
CA GLU B 73 -32.47 42.21 15.80
C GLU B 73 -33.88 41.86 16.21
N THR B 74 -34.86 42.18 15.37
CA THR B 74 -36.25 41.87 15.70
C THR B 74 -36.58 40.39 15.56
N GLY B 75 -35.68 39.63 14.94
CA GLY B 75 -35.95 38.22 14.75
C GLY B 75 -35.60 37.31 15.92
N ILE B 76 -35.25 37.90 17.06
CA ILE B 76 -34.88 37.13 18.24
C ILE B 76 -36.07 36.80 19.14
N GLY B 77 -36.16 35.54 19.54
CA GLY B 77 -37.23 35.11 20.44
C GLY B 77 -36.73 34.02 21.38
N TYR B 78 -35.41 33.81 21.37
CA TYR B 78 -34.77 32.79 22.20
C TYR B 78 -33.36 33.23 22.56
N LYS B 79 -32.87 32.76 23.71
CA LYS B 79 -31.52 33.09 24.15
C LYS B 79 -30.46 32.28 23.43
N ASP B 80 -29.33 32.91 23.18
CA ASP B 80 -28.18 32.29 22.54
C ASP B 80 -28.36 31.53 21.23
N VAL B 81 -29.20 32.06 20.36
CA VAL B 81 -29.40 31.47 19.05
C VAL B 81 -28.49 32.32 18.14
N PRO B 82 -27.85 31.68 17.16
CA PRO B 82 -26.97 32.46 16.28
C PRO B 82 -27.69 33.36 15.28
N GLY B 83 -27.10 34.52 15.00
CA GLY B 83 -27.67 35.45 14.04
C GLY B 83 -26.68 35.62 12.90
N ILE B 84 -27.06 36.33 11.85
CA ILE B 84 -26.11 36.53 10.76
C ILE B 84 -26.29 37.89 10.07
N TRP B 85 -26.54 38.91 10.88
CA TRP B 85 -26.71 40.26 10.34
C TRP B 85 -25.52 41.20 10.63
N THR B 86 -24.47 40.72 11.30
CA THR B 86 -23.30 41.56 11.59
C THR B 86 -22.04 40.85 11.08
N LYS B 87 -20.98 41.62 10.81
CA LYS B 87 -19.72 41.05 10.34
C LYS B 87 -19.13 40.13 11.38
N GLU B 88 -19.41 40.42 12.64
CA GLU B 88 -18.89 39.60 13.74
C GLU B 88 -19.50 38.20 13.63
N GLN B 89 -20.81 38.17 13.36
CA GLN B 89 -21.51 36.90 13.22
C GLN B 89 -21.03 36.21 11.95
N VAL B 90 -20.88 36.98 10.88
CA VAL B 90 -20.41 36.45 9.61
C VAL B 90 -19.01 35.82 9.76
N GLU B 91 -18.14 36.46 10.53
CA GLU B 91 -16.80 35.93 10.72
C GLU B 91 -16.80 34.71 11.64
N ALA B 92 -17.73 34.67 12.60
CA ALA B 92 -17.82 33.53 13.52
C ALA B 92 -18.36 32.27 12.82
N TRP B 93 -19.12 32.45 11.74
CA TRP B 93 -19.65 31.31 10.99
C TRP B 93 -18.58 30.62 10.14
N LYS B 94 -17.78 31.42 9.42
CA LYS B 94 -16.73 30.89 8.54
C LYS B 94 -15.99 29.64 9.01
N PRO B 95 -15.47 29.65 10.25
CA PRO B 95 -14.74 28.50 10.77
C PRO B 95 -15.62 27.25 10.87
N ILE B 96 -16.90 27.46 11.17
CA ILE B 96 -17.84 26.35 11.26
C ILE B 96 -18.03 25.86 9.83
N VAL B 97 -18.29 26.80 8.94
CA VAL B 97 -18.46 26.50 7.54
C VAL B 97 -17.23 25.79 6.95
N ASP B 98 -16.03 26.21 7.35
CA ASP B 98 -14.82 25.60 6.82
C ASP B 98 -14.63 24.17 7.31
N ALA B 99 -15.01 23.91 8.55
CA ALA B 99 -14.84 22.56 9.08
C ALA B 99 -15.74 21.59 8.30
N VAL B 100 -16.98 22.01 8.04
CA VAL B 100 -17.91 21.17 7.30
C VAL B 100 -17.34 20.91 5.90
N HIS B 101 -16.93 21.98 5.21
CA HIS B 101 -16.36 21.84 3.88
C HIS B 101 -15.08 21.03 3.89
N ALA B 102 -14.44 20.96 5.05
CA ALA B 102 -13.19 20.19 5.19
C ALA B 102 -13.43 18.69 5.04
N LYS B 103 -14.65 18.24 5.36
CA LYS B 103 -14.94 16.81 5.22
C LYS B 103 -15.83 16.51 4.00
N GLY B 104 -16.00 17.53 3.15
CA GLY B 104 -16.77 17.38 1.94
C GLY B 104 -18.27 17.56 2.04
N GLY B 105 -18.74 18.20 3.11
CA GLY B 105 -20.16 18.38 3.27
C GLY B 105 -20.70 19.61 2.55
N ILE B 106 -22.01 19.59 2.29
CA ILE B 106 -22.68 20.73 1.67
C ILE B 106 -23.41 21.33 2.87
N PHE B 107 -23.35 22.65 3.00
CA PHE B 107 -23.91 23.32 4.17
C PHE B 107 -24.81 24.48 3.76
N PHE B 108 -26.08 24.41 4.12
CA PHE B 108 -27.02 25.47 3.82
C PHE B 108 -27.31 26.09 5.16
N CYS B 109 -27.52 27.40 5.17
CA CYS B 109 -27.82 28.14 6.38
C CYS B 109 -29.32 28.41 6.44
N GLN B 110 -29.98 28.02 7.54
CA GLN B 110 -31.41 28.31 7.63
C GLN B 110 -31.59 29.72 8.19
N ILE B 111 -32.15 30.62 7.37
CA ILE B 111 -32.37 32.00 7.80
C ILE B 111 -33.78 32.12 8.38
N TRP B 112 -33.84 32.72 9.57
CA TRP B 112 -35.06 32.79 10.37
C TRP B 112 -35.41 34.12 11.03
N HIS B 113 -36.70 34.30 11.27
CA HIS B 113 -37.23 35.47 11.97
C HIS B 113 -38.45 34.91 12.74
N VAL B 114 -38.45 35.08 14.05
CA VAL B 114 -39.53 34.53 14.88
C VAL B 114 -40.90 35.20 14.82
N GLY B 115 -40.93 36.48 14.42
CA GLY B 115 -42.19 37.18 14.40
C GLY B 115 -42.75 37.36 15.81
N ARG B 116 -44.02 37.06 16.01
CA ARG B 116 -44.62 37.21 17.32
C ARG B 116 -44.12 36.21 18.39
N VAL B 117 -43.27 35.26 18.02
CA VAL B 117 -42.75 34.29 19.00
C VAL B 117 -41.51 34.93 19.65
N SER B 118 -41.76 36.01 20.38
CA SER B 118 -40.71 36.77 21.02
C SER B 118 -41.31 37.58 22.15
N ASN B 119 -40.44 38.23 22.92
CA ASN B 119 -40.87 39.06 24.03
C ASN B 119 -40.18 40.40 23.85
N LYS B 120 -40.84 41.50 24.19
CA LYS B 120 -40.19 42.81 24.03
C LYS B 120 -38.85 42.82 24.76
N ASP B 121 -38.69 41.96 25.76
CA ASP B 121 -37.42 41.89 26.50
C ASP B 121 -36.30 41.42 25.58
N PHE B 122 -36.67 40.78 24.47
CA PHE B 122 -35.70 40.29 23.49
C PHE B 122 -35.46 41.30 22.38
N GLN B 123 -36.41 42.22 22.22
CA GLN B 123 -36.37 43.23 21.17
C GLN B 123 -35.50 44.46 21.44
N PRO B 124 -35.08 45.14 20.36
CA PRO B 124 -34.26 46.35 20.47
C PRO B 124 -35.08 47.45 21.13
N ASN B 125 -34.44 48.21 22.02
CA ASN B 125 -35.09 49.29 22.72
C ASN B 125 -36.42 48.88 23.32
N GLY B 126 -36.55 47.60 23.68
CA GLY B 126 -37.78 47.10 24.29
C GLY B 126 -39.03 47.26 23.43
N GLU B 127 -38.86 47.23 22.12
CA GLU B 127 -39.99 47.34 21.20
C GLU B 127 -40.81 46.05 21.16
N ASP B 128 -42.01 46.11 20.59
CA ASP B 128 -42.87 44.94 20.48
C ASP B 128 -42.49 44.07 19.28
N PRO B 129 -42.63 42.75 19.42
CA PRO B 129 -42.29 41.84 18.30
C PRO B 129 -43.17 42.20 17.10
N ILE B 130 -42.72 41.89 15.90
CA ILE B 130 -43.52 42.20 14.70
C ILE B 130 -44.17 40.94 14.13
N SER B 131 -45.29 41.11 13.46
CA SER B 131 -46.02 39.98 12.88
C SER B 131 -47.04 40.50 11.86
N CYS B 132 -47.80 39.58 11.28
CA CYS B 132 -48.85 39.90 10.31
C CYS B 132 -50.10 40.36 11.04
N THR B 133 -50.28 39.85 12.26
CA THR B 133 -51.43 40.19 13.06
C THR B 133 -50.95 40.95 14.30
N ASP B 134 -51.90 41.40 15.12
CA ASP B 134 -51.53 42.12 16.32
C ASP B 134 -51.91 41.31 17.53
N ARG B 135 -52.12 40.01 17.34
CA ARG B 135 -52.51 39.11 18.42
C ARG B 135 -51.32 38.30 18.88
N GLY B 136 -51.13 38.24 20.20
CA GLY B 136 -50.00 37.52 20.75
C GLY B 136 -50.25 36.09 21.13
N LEU B 137 -49.19 35.37 21.46
CA LEU B 137 -49.30 33.97 21.85
C LEU B 137 -49.59 33.83 23.34
N THR B 138 -50.17 32.71 23.71
CA THR B 138 -50.45 32.43 25.11
C THR B 138 -49.18 31.81 25.71
N PRO B 139 -49.04 31.85 27.03
CA PRO B 139 -47.85 31.27 27.69
C PRO B 139 -47.60 29.82 27.34
N GLN B 140 -46.33 29.45 27.26
CA GLN B 140 -45.91 28.09 26.94
C GLN B 140 -44.88 27.65 27.97
N ILE B 141 -44.83 26.35 28.25
CA ILE B 141 -43.87 25.83 29.22
C ILE B 141 -42.54 25.56 28.50
N MET B 142 -41.47 26.14 29.02
CA MET B 142 -40.14 25.99 28.45
C MET B 142 -39.58 24.60 28.66
N SER B 143 -38.61 24.22 27.84
CA SER B 143 -37.96 22.91 27.87
C SER B 143 -37.67 22.32 29.25
N ASN B 144 -37.25 23.15 30.21
CA ASN B 144 -36.93 22.64 31.54
C ASN B 144 -38.18 22.19 32.31
N GLY B 145 -39.35 22.52 31.79
CA GLY B 145 -40.58 22.13 32.46
C GLY B 145 -40.83 22.87 33.75
N ILE B 146 -40.03 23.90 34.03
CA ILE B 146 -40.20 24.70 35.24
C ILE B 146 -40.54 26.13 34.90
N ASP B 147 -39.80 26.72 33.97
CA ASP B 147 -40.07 28.09 33.57
C ASP B 147 -41.16 28.20 32.48
N ILE B 148 -41.82 29.35 32.48
CA ILE B 148 -42.90 29.62 31.55
C ILE B 148 -42.52 30.75 30.61
N ALA B 149 -42.48 30.47 29.31
CA ALA B 149 -42.14 31.49 28.32
C ALA B 149 -43.34 32.37 28.03
N HIS B 150 -43.28 33.65 28.40
CA HIS B 150 -44.37 34.57 28.11
C HIS B 150 -44.06 35.31 26.81
N PHE B 151 -45.08 35.77 26.11
CA PHE B 151 -44.88 36.46 24.85
C PHE B 151 -45.53 37.82 24.84
N THR B 152 -44.95 38.75 24.08
CA THR B 152 -45.50 40.10 23.97
C THR B 152 -46.38 40.22 22.73
N ARG B 153 -47.56 40.85 22.86
CA ARG B 153 -48.44 41.04 21.71
C ARG B 153 -47.64 41.74 20.64
N PRO B 154 -47.68 41.24 19.42
CA PRO B 154 -46.92 41.86 18.35
C PRO B 154 -47.56 43.08 17.76
N ARG B 155 -46.74 43.85 17.08
CA ARG B 155 -47.22 45.03 16.38
C ARG B 155 -47.50 44.48 14.98
N ARG B 156 -48.66 44.79 14.42
CA ARG B 156 -49.02 44.35 13.07
C ARG B 156 -48.18 45.15 12.09
N LEU B 157 -47.40 44.50 11.24
CA LEU B 157 -46.58 45.20 10.25
C LEU B 157 -47.49 45.93 9.24
N THR B 158 -47.05 47.07 8.74
CA THR B 158 -47.87 47.79 7.76
C THR B 158 -47.50 47.29 6.37
N THR B 159 -48.42 47.47 5.42
CA THR B 159 -48.22 47.05 4.04
C THR B 159 -46.88 47.48 3.48
N ASP B 160 -46.52 48.75 3.69
CA ASP B 160 -45.26 49.26 3.16
C ASP B 160 -44.02 48.87 3.96
N GLU B 161 -44.22 48.25 5.11
CA GLU B 161 -43.09 47.81 5.93
C GLU B 161 -42.70 46.39 5.56
N ILE B 162 -43.68 45.59 5.16
CA ILE B 162 -43.43 44.21 4.82
C ILE B 162 -42.25 44.03 3.87
N PRO B 163 -42.15 44.86 2.82
CA PRO B 163 -41.00 44.68 1.92
C PRO B 163 -39.66 44.86 2.63
N GLN B 164 -39.65 45.65 3.69
CA GLN B 164 -38.41 45.88 4.45
C GLN B 164 -37.95 44.59 5.11
N ILE B 165 -38.90 43.82 5.64
CA ILE B 165 -38.58 42.54 6.27
C ILE B 165 -38.09 41.57 5.21
N VAL B 166 -38.74 41.62 4.04
CA VAL B 166 -38.36 40.77 2.90
C VAL B 166 -36.90 41.05 2.55
N ASN B 167 -36.49 42.30 2.68
CA ASN B 167 -35.13 42.65 2.35
C ASN B 167 -34.12 42.10 3.35
N GLU B 168 -34.54 41.95 4.60
CA GLU B 168 -33.66 41.41 5.64
C GLU B 168 -33.31 39.96 5.29
N PHE B 169 -34.30 39.20 4.85
CA PHE B 169 -34.04 37.83 4.44
C PHE B 169 -33.04 37.86 3.29
N ARG B 170 -33.26 38.78 2.35
CA ARG B 170 -32.39 38.92 1.19
C ARG B 170 -30.96 39.14 1.67
N VAL B 171 -30.76 40.17 2.46
CA VAL B 171 -29.44 40.51 2.99
C VAL B 171 -28.85 39.35 3.79
N ALA B 172 -29.69 38.70 4.61
CA ALA B 172 -29.25 37.55 5.41
C ALA B 172 -28.67 36.45 4.52
N ALA B 173 -29.33 36.20 3.39
CA ALA B 173 -28.88 35.19 2.46
C ALA B 173 -27.48 35.53 1.93
N ARG B 174 -27.31 36.78 1.50
CA ARG B 174 -26.04 37.24 0.98
C ARG B 174 -24.95 37.01 2.03
N ASN B 175 -25.26 37.34 3.27
CA ASN B 175 -24.29 37.19 4.36
C ASN B 175 -23.94 35.72 4.56
N ALA B 176 -24.88 34.84 4.28
CA ALA B 176 -24.61 33.42 4.42
C ALA B 176 -23.61 33.03 3.33
N ILE B 177 -23.85 33.50 2.11
CA ILE B 177 -22.93 33.18 1.03
C ILE B 177 -21.55 33.77 1.36
N GLU B 178 -21.54 34.98 1.91
CA GLU B 178 -20.27 35.62 2.26
C GLU B 178 -19.55 34.82 3.35
N ALA B 179 -20.32 34.16 4.21
CA ALA B 179 -19.75 33.35 5.28
C ALA B 179 -19.24 32.02 4.74
N GLY B 180 -19.54 31.75 3.47
CA GLY B 180 -19.08 30.51 2.85
C GLY B 180 -20.12 29.40 2.68
N PHE B 181 -21.32 29.57 3.23
CA PHE B 181 -22.36 28.56 3.10
C PHE B 181 -22.62 28.25 1.62
N ASP B 182 -22.96 26.99 1.34
CA ASP B 182 -23.23 26.57 -0.03
C ASP B 182 -24.58 27.11 -0.49
N GLY B 183 -25.46 27.38 0.47
CA GLY B 183 -26.80 27.89 0.16
C GLY B 183 -27.57 28.17 1.43
N VAL B 184 -28.82 28.61 1.30
CA VAL B 184 -29.61 28.92 2.48
C VAL B 184 -31.01 28.32 2.41
N GLU B 185 -31.57 28.02 3.57
CA GLU B 185 -32.92 27.47 3.65
C GLU B 185 -33.83 28.52 4.30
N ILE B 186 -34.82 28.98 3.55
CA ILE B 186 -35.74 29.97 4.09
C ILE B 186 -36.65 29.26 5.08
N HIS B 187 -36.83 29.85 6.27
CA HIS B 187 -37.64 29.17 7.29
C HIS B 187 -39.12 29.51 7.19
N GLY B 188 -39.86 28.75 6.41
CA GLY B 188 -41.27 29.04 6.26
C GLY B 188 -42.17 28.16 7.12
N ALA B 189 -41.65 27.64 8.23
CA ALA B 189 -42.44 26.76 9.08
C ALA B 189 -42.54 27.09 10.56
N HIS B 190 -43.19 26.17 11.28
CA HIS B 190 -43.36 26.19 12.74
C HIS B 190 -43.90 27.44 13.38
N GLY B 191 -44.82 28.10 12.70
CA GLY B 191 -45.42 29.28 13.25
C GLY B 191 -44.54 30.49 13.36
N TYR B 192 -43.39 30.50 12.70
CA TYR B 192 -42.53 31.67 12.80
C TYR B 192 -43.01 32.75 11.83
N LEU B 193 -42.25 33.84 11.67
CA LEU B 193 -42.76 34.95 10.82
C LEU B 193 -43.29 34.59 9.44
N ILE B 194 -42.57 33.79 8.66
CA ILE B 194 -43.10 33.49 7.34
C ILE B 194 -44.36 32.64 7.43
N ASP B 195 -44.34 31.61 8.28
CA ASP B 195 -45.51 30.75 8.45
C ASP B 195 -46.69 31.57 9.01
N GLN B 196 -46.36 32.62 9.77
CA GLN B 196 -47.38 33.49 10.35
C GLN B 196 -48.24 34.17 9.28
N PHE B 197 -47.63 34.54 8.16
CA PHE B 197 -48.40 35.16 7.09
C PHE B 197 -49.20 34.10 6.29
N MET B 198 -48.66 32.88 6.17
CA MET B 198 -49.31 31.79 5.44
C MET B 198 -50.55 31.19 6.13
N LYS B 199 -50.45 31.00 7.44
CA LYS B 199 -51.51 30.36 8.22
C LYS B 199 -52.71 31.25 8.52
N ASP B 200 -53.92 30.75 8.22
CA ASP B 200 -55.14 31.52 8.42
C ASP B 200 -55.66 31.64 9.87
N GLN B 201 -55.03 30.93 10.80
CA GLN B 201 -55.44 31.03 12.19
C GLN B 201 -54.69 32.20 12.81
N VAL B 202 -53.77 32.76 12.02
CA VAL B 202 -52.94 33.87 12.46
C VAL B 202 -53.08 35.11 11.56
N ASN B 203 -53.02 34.90 10.25
CA ASN B 203 -53.12 36.01 9.32
C ASN B 203 -54.54 36.54 9.15
N ASP B 204 -54.88 37.60 9.87
CA ASP B 204 -56.20 38.20 9.77
C ASP B 204 -56.12 39.55 9.11
N ARG B 205 -55.10 39.73 8.26
CA ARG B 205 -54.92 41.00 7.55
C ARG B 205 -56.01 41.24 6.54
N SER B 206 -56.27 42.50 6.24
CA SER B 206 -57.29 42.86 5.26
C SER B 206 -56.71 43.61 4.07
N ASP B 207 -55.40 43.56 3.91
CA ASP B 207 -54.76 44.22 2.77
C ASP B 207 -54.35 43.14 1.76
N LYS B 208 -53.33 43.40 0.96
CA LYS B 208 -52.89 42.45 -0.06
C LYS B 208 -52.11 41.23 0.43
N TYR B 209 -51.80 41.19 1.72
CA TYR B 209 -51.06 40.06 2.30
C TYR B 209 -51.95 39.15 3.16
N GLY B 210 -53.25 39.22 2.94
CA GLY B 210 -54.19 38.39 3.68
C GLY B 210 -55.50 38.27 2.94
N GLY B 211 -56.50 37.67 3.57
CA GLY B 211 -57.80 37.54 2.94
C GLY B 211 -57.99 36.38 1.99
N SER B 212 -56.91 35.93 1.37
CA SER B 212 -56.99 34.82 0.42
C SER B 212 -55.73 33.96 0.49
N LEU B 213 -55.81 32.78 -0.13
CA LEU B 213 -54.70 31.86 -0.15
C LEU B 213 -53.51 32.53 -0.82
N GLU B 214 -53.75 33.13 -1.98
CA GLU B 214 -52.70 33.80 -2.73
C GLU B 214 -52.03 34.88 -1.89
N ASN B 215 -52.83 35.76 -1.32
CA ASN B 215 -52.32 36.86 -0.49
C ASN B 215 -51.54 36.39 0.72
N ARG B 216 -52.05 35.38 1.43
CA ARG B 216 -51.35 34.88 2.60
C ARG B 216 -49.98 34.31 2.26
N CYS B 217 -49.80 33.90 1.00
CA CYS B 217 -48.53 33.32 0.57
C CYS B 217 -47.63 34.32 -0.13
N ARG B 218 -48.13 35.51 -0.36
CA ARG B 218 -47.36 36.56 -1.04
C ARG B 218 -46.03 36.83 -0.34
N PHE B 219 -46.08 36.97 0.99
CA PHE B 219 -44.88 37.25 1.78
C PHE B 219 -43.81 36.18 1.54
N ALA B 220 -44.16 34.92 1.79
CA ALA B 220 -43.22 33.83 1.60
C ALA B 220 -42.64 33.89 0.18
N LEU B 221 -43.52 34.03 -0.81
CA LEU B 221 -43.09 34.07 -2.20
C LEU B 221 -42.23 35.28 -2.57
N GLU B 222 -42.54 36.43 -1.99
CA GLU B 222 -41.74 37.63 -2.24
C GLU B 222 -40.32 37.38 -1.71
N ILE B 223 -40.22 36.65 -0.59
CA ILE B 223 -38.94 36.31 0.02
C ILE B 223 -38.14 35.32 -0.85
N VAL B 224 -38.83 34.30 -1.36
CA VAL B 224 -38.18 33.30 -2.21
C VAL B 224 -37.57 34.00 -3.41
N GLU B 225 -38.33 34.93 -3.96
CA GLU B 225 -37.92 35.69 -5.13
C GLU B 225 -36.70 36.54 -4.79
N ALA B 226 -36.83 37.40 -3.78
CA ALA B 226 -35.73 38.25 -3.37
C ALA B 226 -34.46 37.46 -3.08
N VAL B 227 -34.60 36.34 -2.38
CA VAL B 227 -33.43 35.52 -2.05
C VAL B 227 -32.84 34.90 -3.32
N ALA B 228 -33.71 34.28 -4.12
CA ALA B 228 -33.29 33.63 -5.36
C ALA B 228 -32.55 34.61 -6.28
N ASN B 229 -33.09 35.82 -6.40
CA ASN B 229 -32.49 36.84 -7.23
C ASN B 229 -31.16 37.27 -6.67
N GLU B 230 -31.07 37.29 -5.35
CA GLU B 230 -29.83 37.70 -4.70
C GLU B 230 -28.71 36.68 -4.79
N ILE B 231 -29.00 35.40 -4.59
CA ILE B 231 -27.93 34.41 -4.64
C ILE B 231 -28.11 33.28 -5.65
N GLY B 232 -29.19 33.31 -6.40
CA GLY B 232 -29.40 32.25 -7.37
C GLY B 232 -30.22 31.12 -6.79
N SER B 233 -31.27 30.73 -7.52
CA SER B 233 -32.19 29.68 -7.12
C SER B 233 -31.54 28.32 -6.88
N ASP B 234 -30.38 28.08 -7.47
CA ASP B 234 -29.68 26.81 -7.27
C ASP B 234 -28.98 26.74 -5.91
N ARG B 235 -29.10 27.80 -5.13
CA ARG B 235 -28.49 27.87 -3.78
C ARG B 235 -29.56 28.19 -2.76
N VAL B 236 -30.82 28.01 -3.12
CA VAL B 236 -31.93 28.32 -2.24
C VAL B 236 -32.91 27.18 -1.97
N GLY B 237 -33.25 27.00 -0.70
CA GLY B 237 -34.21 25.99 -0.33
C GLY B 237 -35.24 26.70 0.52
N ILE B 238 -36.28 26.00 0.92
CA ILE B 238 -37.31 26.58 1.78
C ILE B 238 -37.98 25.47 2.57
N ARG B 239 -38.24 25.73 3.85
CA ARG B 239 -38.89 24.74 4.68
C ARG B 239 -40.26 25.22 5.04
N ILE B 240 -41.22 24.30 5.01
CA ILE B 240 -42.60 24.63 5.33
C ILE B 240 -43.21 23.46 6.10
N SER B 241 -44.28 23.73 6.83
CA SER B 241 -44.94 22.72 7.62
C SER B 241 -46.42 23.09 7.62
N PRO B 242 -47.11 22.89 6.49
CA PRO B 242 -48.54 23.20 6.32
C PRO B 242 -49.43 22.57 7.39
N PHE B 243 -49.10 21.36 7.82
CA PHE B 243 -49.92 20.67 8.81
C PHE B 243 -49.57 20.94 10.27
N ALA B 244 -48.44 21.60 10.51
CA ALA B 244 -48.04 21.91 11.88
C ALA B 244 -48.91 22.99 12.53
N HIS B 245 -49.11 22.88 13.85
CA HIS B 245 -49.92 23.82 14.64
C HIS B 245 -49.08 24.50 15.71
N TYR B 246 -47.79 24.18 15.72
CA TYR B 246 -46.84 24.73 16.67
C TYR B 246 -46.96 26.26 16.69
N ASN B 247 -46.95 26.84 17.89
CA ASN B 247 -47.06 28.29 18.07
C ASN B 247 -48.41 28.86 17.67
N GLU B 248 -49.46 28.08 17.88
CA GLU B 248 -50.83 28.50 17.59
C GLU B 248 -50.94 28.98 16.13
N ALA B 249 -50.22 28.32 15.23
CA ALA B 249 -50.20 28.68 13.81
C ALA B 249 -50.78 27.63 12.83
N GLY B 250 -52.00 27.18 13.06
CA GLY B 250 -52.58 26.20 12.16
C GLY B 250 -53.30 26.85 10.97
N ASP B 251 -53.93 26.01 10.16
CA ASP B 251 -54.66 26.50 8.99
C ASP B 251 -55.88 25.61 8.73
N THR B 252 -56.97 26.22 8.29
CA THR B 252 -58.21 25.49 8.01
C THR B 252 -58.10 24.58 6.79
N ASN B 253 -57.19 24.91 5.87
CA ASN B 253 -57.00 24.10 4.68
C ASN B 253 -55.53 23.78 4.43
N PRO B 254 -54.93 22.97 5.32
CA PRO B 254 -53.52 22.55 5.27
C PRO B 254 -53.09 21.97 3.93
N THR B 255 -53.83 20.97 3.47
CA THR B 255 -53.49 20.31 2.22
C THR B 255 -53.46 21.31 1.08
N ALA B 256 -54.45 22.18 1.06
CA ALA B 256 -54.55 23.19 0.00
C ALA B 256 -53.41 24.20 0.12
N LEU B 257 -53.06 24.57 1.35
CA LEU B 257 -51.98 25.51 1.55
C LEU B 257 -50.69 24.90 1.05
N GLY B 258 -50.46 23.65 1.44
CA GLY B 258 -49.27 22.94 1.01
C GLY B 258 -49.18 22.79 -0.50
N LEU B 259 -50.29 22.37 -1.13
CA LEU B 259 -50.29 22.21 -2.59
C LEU B 259 -50.04 23.52 -3.32
N TYR B 260 -50.74 24.57 -2.88
CA TYR B 260 -50.57 25.87 -3.49
C TYR B 260 -49.10 26.28 -3.46
N MET B 261 -48.46 26.11 -2.30
CA MET B 261 -47.07 26.49 -2.16
C MET B 261 -46.10 25.73 -3.08
N VAL B 262 -46.23 24.41 -3.14
CA VAL B 262 -45.32 23.66 -4.02
C VAL B 262 -45.50 24.01 -5.48
N GLU B 263 -46.75 24.19 -5.92
CA GLU B 263 -46.98 24.53 -7.32
C GLU B 263 -46.39 25.91 -7.64
N SER B 264 -46.48 26.83 -6.69
CA SER B 264 -45.97 28.19 -6.87
C SER B 264 -44.45 28.22 -6.81
N LEU B 265 -43.85 27.31 -6.03
CA LEU B 265 -42.41 27.25 -5.89
C LEU B 265 -41.74 26.66 -7.14
N ASN B 266 -42.51 25.96 -7.96
CA ASN B 266 -41.97 25.35 -9.17
C ASN B 266 -41.32 26.34 -10.14
N LYS B 267 -41.96 27.47 -10.38
CA LYS B 267 -41.41 28.45 -11.31
C LYS B 267 -40.05 29.01 -10.89
N TYR B 268 -39.71 28.92 -9.59
CA TYR B 268 -38.43 29.47 -9.11
C TYR B 268 -37.23 28.53 -9.22
N ASP B 269 -37.50 27.26 -9.48
CA ASP B 269 -36.44 26.28 -9.63
C ASP B 269 -35.42 26.29 -8.48
N LEU B 270 -35.92 26.05 -7.27
CA LEU B 270 -35.11 26.03 -6.07
C LEU B 270 -34.29 24.74 -5.99
N ALA B 271 -33.28 24.73 -5.13
CA ALA B 271 -32.46 23.55 -4.94
C ALA B 271 -33.32 22.46 -4.32
N TYR B 272 -34.32 22.86 -3.52
CA TYR B 272 -35.20 21.88 -2.89
C TYR B 272 -36.36 22.48 -2.12
N CYS B 273 -37.29 21.61 -1.71
CA CYS B 273 -38.42 22.03 -0.89
C CYS B 273 -38.43 21.03 0.28
N HIS B 274 -38.23 21.57 1.47
CA HIS B 274 -38.17 20.80 2.71
C HIS B 274 -39.54 20.87 3.35
N VAL B 275 -40.21 19.73 3.52
CA VAL B 275 -41.55 19.75 4.10
C VAL B 275 -41.65 18.82 5.30
N VAL B 276 -42.29 19.29 6.36
CA VAL B 276 -42.42 18.46 7.56
C VAL B 276 -43.67 17.60 7.54
N GLU B 277 -43.50 16.33 7.89
CA GLU B 277 -44.62 15.38 7.93
C GLU B 277 -45.64 15.79 9.01
N PRO B 278 -46.90 15.34 8.87
CA PRO B 278 -47.99 15.64 9.80
C PRO B 278 -47.90 14.85 11.12
N ARG B 279 -48.76 15.21 12.07
CA ARG B 279 -48.82 14.57 13.38
C ARG B 279 -47.71 15.08 14.31
N THR B 290 -56.17 13.77 2.90
CA THR B 290 -56.41 13.98 4.32
C THR B 290 -55.12 13.92 5.12
N GLU B 291 -54.30 14.95 4.95
CA GLU B 291 -53.01 15.09 5.63
C GLU B 291 -51.96 14.05 5.24
N SER B 292 -51.24 14.38 4.19
CA SER B 292 -50.18 13.55 3.63
C SER B 292 -49.30 14.46 2.78
N LEU B 293 -48.05 14.08 2.57
CA LEU B 293 -47.20 14.91 1.75
C LEU B 293 -47.18 14.40 0.33
N VAL B 294 -47.81 13.25 0.10
CA VAL B 294 -47.81 12.66 -1.24
C VAL B 294 -48.26 13.63 -2.33
N PRO B 295 -49.45 14.21 -2.19
CA PRO B 295 -49.94 15.15 -3.20
C PRO B 295 -48.94 16.28 -3.51
N MET B 296 -48.28 16.77 -2.47
CA MET B 296 -47.32 17.86 -2.62
C MET B 296 -46.07 17.36 -3.33
N ARG B 297 -45.66 16.14 -3.02
CA ARG B 297 -44.48 15.55 -3.65
C ARG B 297 -44.77 15.36 -5.15
N LYS B 298 -45.98 14.92 -5.45
CA LYS B 298 -46.39 14.70 -6.82
C LYS B 298 -46.49 16.00 -7.58
N ALA B 299 -46.90 17.07 -6.90
CA ALA B 299 -47.04 18.36 -7.55
C ALA B 299 -45.74 19.16 -7.66
N TYR B 300 -44.74 18.87 -6.84
CA TYR B 300 -43.48 19.62 -6.88
C TYR B 300 -42.54 18.95 -7.87
N LYS B 301 -41.90 19.74 -8.73
CA LYS B 301 -41.01 19.19 -9.75
C LYS B 301 -39.55 19.07 -9.41
N GLY B 302 -39.13 19.62 -8.28
CA GLY B 302 -37.74 19.52 -7.91
C GLY B 302 -37.49 18.57 -6.75
N THR B 303 -36.30 18.67 -6.16
CA THR B 303 -35.91 17.85 -5.03
C THR B 303 -36.79 18.12 -3.80
N PHE B 304 -37.40 17.06 -3.30
CA PHE B 304 -38.29 17.12 -2.15
C PHE B 304 -37.51 16.54 -0.97
N ILE B 305 -37.64 17.14 0.21
CA ILE B 305 -36.97 16.61 1.40
C ILE B 305 -38.08 16.48 2.41
N VAL B 306 -38.14 15.33 3.09
CA VAL B 306 -39.16 15.11 4.10
C VAL B 306 -38.49 15.03 5.48
N ALA B 307 -39.25 15.31 6.52
CA ALA B 307 -38.75 15.25 7.89
C ALA B 307 -39.93 15.04 8.84
N GLY B 308 -39.65 14.45 9.98
CA GLY B 308 -40.68 14.23 10.98
C GLY B 308 -40.90 12.78 11.41
N GLY B 309 -40.16 12.34 12.42
CA GLY B 309 -40.33 11.00 12.94
C GLY B 309 -39.67 9.83 12.22
N TYR B 310 -38.82 10.09 11.24
CA TYR B 310 -38.20 8.99 10.51
C TYR B 310 -37.11 8.22 11.26
N ASP B 311 -36.94 6.98 10.88
CA ASP B 311 -35.90 6.13 11.46
C ASP B 311 -35.29 5.45 10.25
N ARG B 312 -34.40 4.50 10.46
CA ARG B 312 -33.77 3.83 9.33
C ARG B 312 -34.81 3.25 8.35
N GLU B 313 -35.71 2.44 8.91
CA GLU B 313 -36.73 1.77 8.13
C GLU B 313 -37.63 2.74 7.34
N ASP B 314 -38.29 3.65 8.05
CA ASP B 314 -39.20 4.59 7.41
C ASP B 314 -38.52 5.42 6.35
N GLY B 315 -37.22 5.65 6.54
CA GLY B 315 -36.46 6.45 5.61
C GLY B 315 -36.29 5.76 4.28
N ASN B 316 -35.92 4.50 4.33
CA ASN B 316 -35.72 3.72 3.13
C ASN B 316 -37.07 3.50 2.42
N ARG B 317 -38.13 3.30 3.20
CA ARG B 317 -39.44 3.06 2.62
C ARG B 317 -39.95 4.30 1.88
N ALA B 318 -39.62 5.48 2.39
CA ALA B 318 -40.02 6.72 1.75
C ALA B 318 -39.35 6.82 0.38
N LEU B 319 -38.07 6.48 0.31
CA LEU B 319 -37.36 6.54 -0.96
C LEU B 319 -37.88 5.44 -1.91
N ILE B 320 -38.19 4.27 -1.36
CA ILE B 320 -38.69 3.17 -2.18
C ILE B 320 -40.08 3.50 -2.72
N GLU B 321 -40.90 4.16 -1.91
CA GLU B 321 -42.24 4.52 -2.33
C GLU B 321 -42.22 5.80 -3.14
N ASP B 322 -41.01 6.32 -3.37
CA ASP B 322 -40.80 7.54 -4.14
C ASP B 322 -41.52 8.76 -3.55
N ARG B 323 -41.64 8.81 -2.23
CA ARG B 323 -42.29 9.93 -1.57
C ARG B 323 -41.37 11.14 -1.35
N ALA B 324 -40.06 10.94 -1.56
CA ALA B 324 -39.11 12.02 -1.37
C ALA B 324 -37.80 11.66 -2.03
N ASP B 325 -36.87 12.60 -2.03
CA ASP B 325 -35.56 12.34 -2.61
C ASP B 325 -34.52 12.36 -1.50
N LEU B 326 -34.82 13.11 -0.44
CA LEU B 326 -33.94 13.23 0.70
C LEU B 326 -34.73 13.14 2.00
N VAL B 327 -34.10 12.60 3.04
CA VAL B 327 -34.78 12.48 4.32
C VAL B 327 -33.95 13.16 5.38
N ALA B 328 -34.56 14.09 6.11
CA ALA B 328 -33.87 14.84 7.13
C ALA B 328 -34.17 14.25 8.51
N TYR B 329 -33.12 14.14 9.31
CA TYR B 329 -33.21 13.60 10.66
C TYR B 329 -32.76 14.65 11.67
N GLY B 330 -33.57 14.85 12.71
CA GLY B 330 -33.24 15.81 13.74
C GLY B 330 -32.67 15.16 15.00
N ARG B 331 -33.56 14.65 15.86
CA ARG B 331 -33.18 14.02 17.12
C ARG B 331 -32.16 12.90 17.06
N LEU B 332 -32.26 12.01 16.09
CA LEU B 332 -31.28 10.93 16.01
C LEU B 332 -29.91 11.51 15.65
N PHE B 333 -29.91 12.64 14.95
CA PHE B 333 -28.65 13.23 14.57
C PHE B 333 -28.00 13.94 15.77
N ILE B 334 -28.81 14.25 16.78
CA ILE B 334 -28.25 14.89 17.95
C ILE B 334 -27.43 13.85 18.70
N SER B 335 -28.02 12.68 18.94
CA SER B 335 -27.31 11.63 19.66
C SER B 335 -26.40 10.73 18.81
N ASN B 336 -26.46 10.89 17.50
CA ASN B 336 -25.64 10.06 16.62
C ASN B 336 -24.87 10.89 15.60
N PRO B 337 -23.67 11.36 15.96
CA PRO B 337 -22.82 12.17 15.08
C PRO B 337 -22.61 11.48 13.74
N ASP B 338 -22.45 10.17 13.79
CA ASP B 338 -22.24 9.34 12.60
C ASP B 338 -23.49 8.60 12.17
N LEU B 339 -24.62 9.30 12.14
CA LEU B 339 -25.90 8.70 11.76
C LEU B 339 -25.89 8.06 10.38
N PRO B 340 -25.33 8.77 9.36
CA PRO B 340 -25.30 8.18 8.02
C PRO B 340 -24.58 6.83 8.07
N LYS B 341 -23.38 6.85 8.64
CA LYS B 341 -22.55 5.67 8.78
C LYS B 341 -23.23 4.56 9.59
N ARG B 342 -23.90 4.93 10.68
CA ARG B 342 -24.58 3.93 11.49
C ARG B 342 -25.72 3.31 10.70
N PHE B 343 -26.46 4.11 9.96
CA PHE B 343 -27.56 3.58 9.15
C PHE B 343 -26.99 2.64 8.08
N GLU B 344 -25.90 3.05 7.47
CA GLU B 344 -25.27 2.25 6.44
C GLU B 344 -24.87 0.85 6.95
N LEU B 345 -24.49 0.77 8.22
CA LEU B 345 -24.09 -0.51 8.79
C LEU B 345 -25.22 -1.19 9.54
N ASN B 346 -26.34 -0.48 9.67
CA ASN B 346 -27.49 -0.98 10.40
C ASN B 346 -27.02 -1.26 11.81
N ALA B 347 -26.25 -0.30 12.32
CA ALA B 347 -25.68 -0.35 13.66
C ALA B 347 -26.64 0.22 14.68
N PRO B 348 -26.44 -0.13 15.96
CA PRO B 348 -27.30 0.36 17.05
C PRO B 348 -27.23 1.89 17.07
N LEU B 349 -28.20 2.53 17.71
CA LEU B 349 -28.22 3.99 17.76
C LEU B 349 -28.19 4.56 19.19
N ASN B 350 -27.39 5.61 19.40
CA ASN B 350 -27.30 6.28 20.70
C ASN B 350 -28.66 6.88 21.02
N LYS B 351 -29.14 6.70 22.23
CA LYS B 351 -30.42 7.30 22.60
C LYS B 351 -30.13 8.77 22.87
N TYR B 352 -31.02 9.66 22.45
CA TYR B 352 -30.80 11.08 22.69
C TYR B 352 -31.48 11.54 23.97
N ASN B 353 -30.89 12.53 24.61
CA ASN B 353 -31.44 13.05 25.84
C ASN B 353 -32.00 14.45 25.59
N ARG B 354 -33.33 14.57 25.58
CA ARG B 354 -33.99 15.85 25.33
C ARG B 354 -33.67 16.85 26.44
N ASP B 355 -33.33 16.32 27.61
CA ASP B 355 -32.99 17.14 28.76
C ASP B 355 -31.88 18.12 28.45
N THR B 356 -31.04 17.79 27.47
CA THR B 356 -29.95 18.70 27.11
C THR B 356 -30.01 19.14 25.64
N PHE B 357 -31.20 19.17 25.05
CA PHE B 357 -31.32 19.62 23.67
C PHE B 357 -31.06 21.12 23.61
N TYR B 358 -31.58 21.82 24.61
CA TYR B 358 -31.49 23.29 24.71
C TYR B 358 -30.62 23.87 25.83
N THR B 359 -29.96 23.02 26.59
CA THR B 359 -29.10 23.50 27.66
C THR B 359 -27.91 24.23 27.04
N SER B 360 -27.16 24.99 27.84
CA SER B 360 -26.07 25.79 27.29
C SER B 360 -24.63 25.34 27.42
N ASP B 361 -24.39 24.10 27.84
CA ASP B 361 -23.00 23.67 27.96
C ASP B 361 -22.36 23.45 26.59
N PRO B 362 -21.08 23.83 26.42
CA PRO B 362 -20.36 23.68 25.15
C PRO B 362 -20.15 22.23 24.72
N ILE B 363 -20.26 21.33 25.69
CA ILE B 363 -20.04 19.90 25.45
C ILE B 363 -21.21 18.98 25.82
N VAL B 364 -21.47 18.85 27.11
CA VAL B 364 -22.52 17.98 27.59
C VAL B 364 -23.83 18.08 26.79
N GLY B 365 -24.18 16.97 26.14
CA GLY B 365 -25.40 16.90 25.34
C GLY B 365 -25.28 17.58 23.98
N TYR B 366 -24.07 18.04 23.67
CA TYR B 366 -23.83 18.72 22.41
C TYR B 366 -22.77 18.04 21.56
N THR B 367 -21.63 17.71 22.16
CA THR B 367 -20.56 17.05 21.42
C THR B 367 -20.09 15.77 22.12
N ASP B 368 -20.68 15.45 23.27
CA ASP B 368 -20.27 14.26 24.00
C ASP B 368 -21.03 12.99 23.62
N TYR B 369 -21.60 13.01 22.42
CA TYR B 369 -22.31 11.84 21.90
C TYR B 369 -21.25 11.12 21.08
N PRO B 370 -20.96 9.87 21.45
CA PRO B 370 -19.95 9.00 20.82
C PRO B 370 -20.23 8.48 19.41
N PHE B 371 -19.14 8.12 18.73
CA PHE B 371 -19.24 7.53 17.39
C PHE B 371 -19.20 6.02 17.61
N LEU B 372 -19.38 5.26 16.53
CA LEU B 372 -19.34 3.82 16.62
C LEU B 372 -17.99 3.39 17.20
N GLU B 373 -18.02 2.42 18.11
CA GLU B 373 -16.81 1.93 18.75
C GLU B 373 -15.91 1.21 17.74
N1 FMN C . 38.63 -22.18 -10.23
C2 FMN C . 38.12 -23.27 -9.59
O2 FMN C . 37.60 -24.21 -10.16
N3 FMN C . 38.19 -23.32 -8.17
C4 FMN C . 38.74 -22.37 -7.38
O4 FMN C . 38.75 -22.49 -6.15
C4A FMN C . 39.31 -21.20 -8.07
N5 FMN C . 39.86 -20.19 -7.39
C5A FMN C . 40.36 -19.10 -8.07
C6 FMN C . 40.95 -17.97 -7.35
C7 FMN C . 41.42 -16.84 -7.94
C7M FMN C . 42.01 -15.66 -7.17
C8 FMN C . 41.37 -16.74 -9.43
C8M FMN C . 41.88 -15.52 -10.16
C9 FMN C . 40.81 -17.81 -10.14
C9A FMN C . 40.29 -18.97 -9.52
N10 FMN C . 39.69 -20.08 -10.21
C10 FMN C . 39.20 -21.19 -9.55
C1' FMN C . 39.54 -20.05 -11.68
C2' FMN C . 38.23 -19.26 -11.90
O2' FMN C . 37.08 -19.92 -11.42
C3' FMN C . 37.85 -18.87 -13.33
O3' FMN C . 37.74 -20.08 -14.16
C4' FMN C . 38.88 -17.93 -13.91
O4' FMN C . 38.91 -16.74 -13.10
C5' FMN C . 38.56 -17.56 -15.35
O5' FMN C . 37.68 -16.41 -15.44
P FMN C . 37.94 -14.85 -15.42
O1P FMN C . 38.69 -14.50 -16.69
O2P FMN C . 38.67 -14.43 -14.17
O3P FMN C . 36.47 -14.29 -15.48
C1' PHB D . 44.63 -20.95 -6.72
O1' PHB D . 44.81 -21.00 -5.52
C1 PHB D . 43.66 -21.89 -7.42
C2 PHB D . 43.48 -21.79 -8.82
C3 PHB D . 42.59 -22.65 -9.48
C4 PHB D . 41.87 -23.63 -8.74
C5 PHB D . 42.04 -23.73 -7.33
C6 PHB D . 42.93 -22.86 -6.67
O4 PHB D . 40.99 -24.47 -9.42
N1 FMN E . -36.61 22.98 12.78
C2 FMN E . -36.27 24.11 12.08
O2 FMN E . -36.73 24.41 11.00
N3 FMN E . -35.30 25.00 12.66
C4 FMN E . -34.69 24.82 13.86
O4 FMN E . -33.86 25.64 14.27
C4A FMN E . -35.06 23.61 14.61
N5 FMN E . -34.52 23.33 15.79
C5A FMN E . -34.86 22.19 16.46
C6 FMN E . -34.25 21.88 17.73
C7 FMN E . -34.52 20.75 18.46
C7M FMN E . -33.84 20.43 19.80
C8 FMN E . -35.51 19.78 17.93
C8M FMN E . -35.87 18.52 18.68
C9 FMN E . -36.12 20.07 16.71
C9A FMN E . -35.83 21.22 15.94
N10 FMN E . -36.39 21.55 14.66
C10 FMN E . -36.06 22.71 13.97
C1' FMN E . -37.34 20.63 14.02
C2' FMN E . -36.43 19.58 13.33
O2' FMN E . -35.70 20.09 12.22
C3' FMN E . -37.10 18.29 12.78
O3' FMN E . -38.05 18.70 11.75
C4' FMN E . -37.82 17.53 13.88
O4' FMN E . -36.90 17.10 14.92
C5' FMN E . -38.52 16.28 13.35
O5' FMN E . -37.58 15.23 13.10
P FMN E . -37.06 14.04 13.98
O1P FMN E . -38.24 13.14 14.27
O2P FMN E . -36.36 14.58 15.22
O3P FMN E . -36.07 13.31 13.02
C1' PHB F . -37.13 25.22 19.58
O1' PHB F . -36.44 26.01 20.21
C1 PHB F . -37.37 25.38 18.10
C2 PHB F . -38.19 24.45 17.41
C3 PHB F . -38.42 24.59 16.02
C4 PHB F . -37.82 25.66 15.30
C5 PHB F . -36.99 26.61 16.00
C6 PHB F . -36.77 26.47 17.39
O4 PHB F . -38.06 25.79 13.93
#